data_6TNH
#
_entry.id   6TNH
#
_cell.length_a   91.640
_cell.length_b   91.640
_cell.length_c   189.500
_cell.angle_alpha   90.000
_cell.angle_beta   90.000
_cell.angle_gamma   90.000
#
_symmetry.space_group_name_H-M   'P 41 21 2'
#
loop_
_entity.id
_entity.type
_entity.pdbx_description
1 polymer 'Adenylosuccinate synthetase'
2 non-polymer 'SULFATE ION'
3 non-polymer "2'-DEOXYGUANOSINE-5'-MONOPHOSPHATE"
4 non-polymer 'PHOSPHOMETHYLPHOSPHONIC ACID ADENYLATE ESTER'
5 non-polymer 'ASPARTIC ACID'
6 non-polymer 'MAGNESIUM ION'
7 water water
#
_entity_poly.entity_id   1
_entity_poly.type   'polypeptide(L)'
_entity_poly.pdbx_seq_one_letter_code
;MGHHHHHHHHHHGLVPRGSHMENVDLVIDLQFGSTGKGLIAGYLAEKNGYDTVINANMPNAGHTYINAEGRKWMHKVLPN
GIVSPNLKRVMLGAGSVFSINRLMEEIEMSKDLLHDKVAILIHPMATVLDEEAHKKAEVGIATSIGSTGQGSMAAMVEKL
QRDPTNNTIVARDVAQYDGRIAQYVCTVEEWDMALMASERILAEGAQGFSLSLNQEFYPYCTSRDCTPARFLADMGIPLP
MLNKVIGTARCHPIRVGGTSGGHYPDQEELTWEQLGQVPELTTVTKKVRRVFSFSFIQMQKAMWTCQPDEVFLNFCNYLS
PMGWQDIVHQIEVAAQSRYCDAEVKYLGFGPTFNDVELREDVM
;
_entity_poly.pdbx_strand_id   A,B
#
loop_
_chem_comp.id
_chem_comp.type
_chem_comp.name
_chem_comp.formula
ACP non-polymer 'PHOSPHOMETHYLPHOSPHONIC ACID ADENYLATE ESTER' 'C11 H18 N5 O12 P3'
DGP non-polymer 2'-DEOXYGUANOSINE-5'-MONOPHOSPHATE 'C10 H14 N5 O7 P'
MG non-polymer 'MAGNESIUM ION' 'Mg 2'
SO4 non-polymer 'SULFATE ION' 'O4 S -2'
#
# COMPACT_ATOMS: atom_id res chain seq x y z
N SER A 19 3.45 2.28 -25.10
CA SER A 19 2.84 3.45 -24.46
C SER A 19 1.56 3.10 -23.71
N HIS A 20 0.87 2.04 -24.16
CA HIS A 20 -0.33 1.44 -23.58
C HIS A 20 0.14 0.79 -22.29
N MET A 21 -0.58 1.02 -21.21
CA MET A 21 -0.10 0.52 -19.95
C MET A 21 -1.07 -0.38 -19.18
N GLU A 22 -2.39 -0.22 -19.34
CA GLU A 22 -3.37 -1.02 -18.57
C GLU A 22 -3.29 -2.49 -19.01
N ASN A 23 -2.54 -3.32 -18.28
CA ASN A 23 -2.31 -4.71 -18.64
C ASN A 23 -2.19 -5.67 -17.45
N VAL A 24 -2.43 -5.15 -16.23
CA VAL A 24 -2.40 -5.92 -14.98
C VAL A 24 -3.81 -6.32 -14.57
N ASP A 25 -4.03 -7.63 -14.42
CA ASP A 25 -5.27 -8.22 -13.93
C ASP A 25 -4.90 -8.62 -12.52
N LEU A 26 -5.50 -7.97 -11.54
CA LEU A 26 -5.21 -8.19 -10.13
C LEU A 26 -6.34 -8.97 -9.48
N VAL A 27 -6.00 -10.12 -8.89
CA VAL A 27 -6.95 -10.99 -8.19
C VAL A 27 -6.96 -10.55 -6.72
N ILE A 28 -8.15 -10.16 -6.16
CA ILE A 28 -8.32 -9.71 -4.76
C ILE A 28 -9.50 -10.40 -4.10
N ASP A 29 -9.29 -10.86 -2.86
CA ASP A 29 -10.31 -11.50 -2.05
C ASP A 29 -11.26 -10.45 -1.50
N LEU A 30 -12.57 -10.71 -1.55
CA LEU A 30 -13.60 -9.77 -1.08
C LEU A 30 -14.18 -10.10 0.30
N GLN A 31 -13.67 -11.16 0.96
CA GLN A 31 -14.16 -11.60 2.24
C GLN A 31 -13.02 -11.78 3.24
N PHE A 32 -12.96 -12.91 3.98
CA PHE A 32 -11.90 -13.12 4.97
C PHE A 32 -10.85 -14.13 4.49
N GLY A 33 -10.64 -14.21 3.18
CA GLY A 33 -9.70 -15.17 2.62
C GLY A 33 -10.31 -16.53 2.29
N SER A 34 -9.48 -17.43 1.76
CA SER A 34 -9.79 -18.81 1.35
C SER A 34 -10.99 -18.91 0.42
N THR A 35 -11.11 -17.94 -0.52
CA THR A 35 -12.21 -17.89 -1.50
C THR A 35 -11.88 -18.67 -2.76
N GLY A 36 -10.64 -19.12 -2.89
CA GLY A 36 -10.16 -19.86 -4.04
C GLY A 36 -9.47 -18.95 -5.04
N LYS A 37 -8.61 -18.04 -4.55
CA LYS A 37 -7.82 -17.15 -5.40
C LYS A 37 -6.79 -17.97 -6.17
N GLY A 38 -6.28 -19.05 -5.54
CA GLY A 38 -5.33 -19.97 -6.16
C GLY A 38 -5.92 -20.64 -7.39
N LEU A 39 -7.22 -20.94 -7.34
CA LEU A 39 -7.97 -21.55 -8.46
C LEU A 39 -8.20 -20.53 -9.57
N ILE A 40 -8.72 -19.34 -9.24
CA ILE A 40 -8.99 -18.35 -10.28
C ILE A 40 -7.69 -17.89 -10.95
N ALA A 41 -6.56 -17.81 -10.20
CA ALA A 41 -5.22 -17.44 -10.69
C ALA A 41 -4.77 -18.43 -11.76
N GLY A 42 -4.79 -19.72 -11.43
CA GLY A 42 -4.41 -20.77 -12.37
C GLY A 42 -5.35 -20.85 -13.56
N TYR A 43 -6.68 -20.67 -13.31
CA TYR A 43 -7.71 -20.69 -14.35
C TYR A 43 -7.47 -19.57 -15.35
N LEU A 44 -7.33 -18.33 -14.86
CA LEU A 44 -7.10 -17.12 -15.66
C LEU A 44 -5.76 -17.18 -16.37
N ALA A 45 -4.73 -17.71 -15.71
CA ALA A 45 -3.41 -17.88 -16.30
C ALA A 45 -3.50 -18.74 -17.56
N GLU A 46 -4.23 -19.87 -17.47
CA GLU A 46 -4.42 -20.79 -18.59
C GLU A 46 -5.28 -20.21 -19.70
N LYS A 47 -6.30 -19.44 -19.35
CA LYS A 47 -7.22 -18.84 -20.32
C LYS A 47 -6.63 -17.62 -21.02
N ASN A 48 -5.95 -16.75 -20.26
CA ASN A 48 -5.45 -15.48 -20.76
C ASN A 48 -3.99 -15.47 -21.21
N GLY A 49 -3.23 -16.50 -20.84
CA GLY A 49 -1.84 -16.65 -21.23
C GLY A 49 -0.92 -15.47 -20.94
N TYR A 50 -0.99 -14.95 -19.72
CA TYR A 50 -0.12 -13.84 -19.27
C TYR A 50 1.35 -14.25 -19.39
N ASP A 51 2.21 -13.32 -19.79
CA ASP A 51 3.64 -13.59 -19.85
C ASP A 51 4.28 -13.32 -18.49
N THR A 52 3.66 -12.45 -17.68
CA THR A 52 4.16 -12.14 -16.34
C THR A 52 3.15 -12.43 -15.27
N VAL A 53 3.55 -13.24 -14.29
CA VAL A 53 2.75 -13.57 -13.10
C VAL A 53 3.51 -12.98 -11.91
N ILE A 54 2.81 -12.26 -11.04
CA ILE A 54 3.43 -11.53 -9.94
C ILE A 54 2.59 -11.65 -8.68
N ASN A 55 3.23 -11.75 -7.51
CA ASN A 55 2.51 -11.79 -6.25
C ASN A 55 3.35 -11.09 -5.17
N ALA A 56 2.81 -11.03 -3.94
CA ALA A 56 3.51 -10.47 -2.78
C ALA A 56 3.05 -11.27 -1.56
N ASN A 57 3.10 -12.57 -1.67
CA ASN A 57 2.69 -13.48 -0.64
C ASN A 57 3.53 -13.52 0.61
N MET A 58 2.91 -13.96 1.71
CA MET A 58 3.50 -14.18 3.01
C MET A 58 3.17 -15.62 3.39
N PRO A 59 3.91 -16.25 4.33
CA PRO A 59 3.70 -17.70 4.59
C PRO A 59 2.35 -18.07 5.23
N ASN A 60 1.52 -17.07 5.57
CA ASN A 60 0.18 -17.30 6.13
C ASN A 60 -0.77 -17.83 5.08
N ALA A 61 -0.49 -17.51 3.82
CA ALA A 61 -1.29 -17.85 2.66
C ALA A 61 -0.69 -18.99 1.80
N GLY A 62 -1.46 -20.04 1.65
CA GLY A 62 -1.20 -21.19 0.80
C GLY A 62 -2.28 -21.16 -0.27
N HIS A 63 -1.91 -21.29 -1.53
CA HIS A 63 -2.84 -21.21 -2.66
C HIS A 63 -2.81 -22.46 -3.50
N THR A 64 -3.98 -23.06 -3.66
CA THR A 64 -4.15 -24.30 -4.39
C THR A 64 -4.75 -24.09 -5.77
N TYR A 65 -4.12 -24.69 -6.78
CA TYR A 65 -4.63 -24.76 -8.13
C TYR A 65 -4.60 -26.20 -8.58
N ILE A 66 -5.68 -26.67 -9.23
CA ILE A 66 -5.76 -28.02 -9.79
C ILE A 66 -6.19 -27.83 -11.22
N ASN A 67 -5.38 -28.29 -12.19
CA ASN A 67 -5.72 -28.12 -13.60
C ASN A 67 -6.72 -29.19 -14.07
N ALA A 68 -7.09 -29.17 -15.36
CA ALA A 68 -8.06 -30.12 -15.93
C ALA A 68 -7.62 -31.59 -15.84
N GLU A 69 -6.30 -31.85 -15.82
CA GLU A 69 -5.75 -33.22 -15.75
C GLU A 69 -5.58 -33.74 -14.31
N GLY A 70 -5.85 -32.89 -13.32
CA GLY A 70 -5.76 -33.25 -11.92
C GLY A 70 -4.46 -32.89 -11.25
N ARG A 71 -3.53 -32.23 -12.00
CA ARG A 71 -2.25 -31.79 -11.46
C ARG A 71 -2.53 -30.67 -10.45
N LYS A 72 -1.98 -30.82 -9.25
CA LYS A 72 -2.19 -29.90 -8.14
C LYS A 72 -0.95 -29.11 -7.77
N TRP A 73 -1.12 -27.82 -7.54
CA TRP A 73 -0.10 -26.88 -7.11
C TRP A 73 -0.59 -26.22 -5.85
N MET A 74 0.11 -26.44 -4.75
CA MET A 74 -0.17 -25.77 -3.48
C MET A 74 1.07 -24.91 -3.29
N HIS A 75 0.88 -23.62 -3.49
CA HIS A 75 1.95 -22.65 -3.44
C HIS A 75 1.81 -21.69 -2.29
N LYS A 76 2.94 -21.43 -1.61
CA LYS A 76 3.04 -20.43 -0.56
C LYS A 76 3.98 -19.33 -1.06
N VAL A 77 4.77 -19.59 -2.09
CA VAL A 77 5.73 -18.55 -2.54
C VAL A 77 5.41 -18.13 -3.97
N LEU A 78 5.42 -19.10 -4.90
CA LEU A 78 5.22 -18.87 -6.31
C LEU A 78 3.81 -18.54 -6.70
N PRO A 79 3.57 -17.58 -7.61
CA PRO A 79 2.20 -17.36 -8.09
C PRO A 79 1.62 -18.65 -8.69
N ASN A 80 0.29 -18.84 -8.62
CA ASN A 80 -0.35 -20.03 -9.20
C ASN A 80 -0.41 -19.91 -10.70
N GLY A 81 -0.30 -18.67 -11.18
CA GLY A 81 -0.32 -18.35 -12.60
C GLY A 81 0.85 -18.84 -13.41
N ILE A 82 1.81 -19.55 -12.78
CA ILE A 82 2.99 -20.12 -13.49
C ILE A 82 2.55 -21.19 -14.52
N VAL A 83 1.25 -21.55 -14.49
CA VAL A 83 0.61 -22.52 -15.39
C VAL A 83 0.24 -21.84 -16.71
N SER A 84 0.53 -20.52 -16.84
CA SER A 84 0.26 -19.78 -18.06
C SER A 84 1.06 -20.39 -19.21
N PRO A 85 0.40 -20.70 -20.34
CA PRO A 85 1.13 -21.29 -21.47
C PRO A 85 2.15 -20.33 -22.10
N ASN A 86 2.04 -19.02 -21.80
CA ASN A 86 2.97 -18.02 -22.33
C ASN A 86 3.87 -17.42 -21.25
N LEU A 87 4.11 -18.16 -20.16
CA LEU A 87 4.96 -17.71 -19.05
C LEU A 87 6.37 -17.31 -19.48
N LYS A 88 6.74 -16.08 -19.13
CA LYS A 88 8.03 -15.46 -19.47
C LYS A 88 8.66 -14.94 -18.19
N ARG A 89 7.87 -14.41 -17.26
CA ARG A 89 8.35 -13.86 -15.98
C ARG A 89 7.52 -14.28 -14.80
N VAL A 90 8.20 -14.63 -13.68
CA VAL A 90 7.59 -15.00 -12.41
C VAL A 90 8.16 -13.99 -11.44
N MET A 91 7.32 -13.16 -10.83
CA MET A 91 7.82 -12.08 -9.99
C MET A 91 7.33 -12.10 -8.56
N LEU A 92 8.27 -12.14 -7.62
CA LEU A 92 7.98 -12.15 -6.19
C LEU A 92 8.21 -10.75 -5.66
N GLY A 93 7.10 -10.06 -5.36
CA GLY A 93 7.06 -8.68 -4.88
C GLY A 93 7.87 -8.39 -3.65
N ALA A 94 8.12 -7.11 -3.42
CA ALA A 94 8.82 -6.57 -2.26
C ALA A 94 8.07 -6.91 -0.97
N GLY A 95 6.73 -7.01 -1.05
CA GLY A 95 5.87 -7.35 0.09
C GLY A 95 5.89 -8.82 0.43
N SER A 96 6.60 -9.63 -0.37
CA SER A 96 6.71 -11.08 -0.16
C SER A 96 7.49 -11.42 1.09
N VAL A 97 7.02 -12.41 1.84
CA VAL A 97 7.72 -13.00 2.97
C VAL A 97 7.79 -14.46 2.55
N PHE A 98 8.99 -15.01 2.36
CA PHE A 98 9.09 -16.37 1.82
C PHE A 98 10.16 -17.25 2.47
N SER A 99 9.90 -18.55 2.47
CA SER A 99 10.85 -19.54 2.93
C SER A 99 11.61 -19.99 1.70
N ILE A 100 12.94 -19.83 1.74
CA ILE A 100 13.82 -20.22 0.64
C ILE A 100 13.67 -21.71 0.35
N ASN A 101 13.59 -22.55 1.40
CA ASN A 101 13.40 -24.01 1.31
C ASN A 101 12.15 -24.33 0.51
N ARG A 102 11.05 -23.70 0.89
CA ARG A 102 9.74 -23.80 0.26
C ARG A 102 9.84 -23.34 -1.19
N LEU A 103 10.45 -22.15 -1.45
CA LEU A 103 10.65 -21.62 -2.80
C LEU A 103 11.39 -22.62 -3.69
N MET A 104 12.47 -23.25 -3.17
CA MET A 104 13.28 -24.27 -3.84
C MET A 104 12.42 -25.46 -4.25
N GLU A 105 11.55 -25.95 -3.34
CA GLU A 105 10.64 -27.08 -3.59
C GLU A 105 9.61 -26.74 -4.64
N GLU A 106 9.06 -25.52 -4.59
CA GLU A 106 8.05 -25.03 -5.52
C GLU A 106 8.58 -24.85 -6.92
N ILE A 107 9.81 -24.35 -7.03
CA ILE A 107 10.50 -24.22 -8.30
C ILE A 107 10.74 -25.64 -8.87
N GLU A 108 11.33 -26.51 -8.06
CA GLU A 108 11.65 -27.89 -8.46
C GLU A 108 10.41 -28.64 -8.93
N MET A 109 9.32 -28.47 -8.19
CA MET A 109 8.02 -29.08 -8.45
C MET A 109 7.45 -28.68 -9.84
N SER A 110 7.67 -27.44 -10.24
CA SER A 110 7.19 -26.92 -11.52
C SER A 110 8.33 -26.58 -12.48
N LYS A 111 9.45 -27.29 -12.36
CA LYS A 111 10.64 -27.00 -13.19
C LYS A 111 10.36 -27.13 -14.70
N ASP A 112 9.35 -27.92 -15.10
CA ASP A 112 8.90 -28.10 -16.47
C ASP A 112 8.25 -26.80 -16.98
N LEU A 113 7.61 -26.05 -16.09
CA LEU A 113 6.95 -24.79 -16.40
C LEU A 113 7.94 -23.64 -16.30
N LEU A 114 8.90 -23.74 -15.35
CA LEU A 114 9.95 -22.76 -15.06
C LEU A 114 11.22 -23.13 -15.80
N HIS A 115 11.09 -23.24 -17.12
CA HIS A 115 12.15 -23.57 -18.06
C HIS A 115 13.13 -22.39 -18.27
N ASP A 116 14.20 -22.63 -19.05
CA ASP A 116 15.29 -21.69 -19.38
C ASP A 116 14.81 -20.29 -19.84
N LYS A 117 13.68 -20.20 -20.57
CA LYS A 117 13.16 -18.93 -21.06
C LYS A 117 12.20 -18.24 -20.08
N VAL A 118 12.05 -18.79 -18.86
CA VAL A 118 11.23 -18.21 -17.80
C VAL A 118 12.19 -17.57 -16.81
N ALA A 119 12.02 -16.26 -16.56
CA ALA A 119 12.83 -15.54 -15.58
C ALA A 119 12.06 -15.42 -14.28
N ILE A 120 12.66 -15.89 -13.18
CA ILE A 120 12.10 -15.80 -11.85
C ILE A 120 12.82 -14.62 -11.21
N LEU A 121 12.05 -13.60 -10.84
CA LEU A 121 12.56 -12.38 -10.25
C LEU A 121 12.08 -12.19 -8.84
N ILE A 122 13.03 -12.22 -7.90
CA ILE A 122 12.70 -12.00 -6.50
C ILE A 122 13.06 -10.53 -6.24
N HIS A 123 12.07 -9.70 -5.84
CA HIS A 123 12.36 -8.27 -5.58
C HIS A 123 13.51 -8.20 -4.57
N PRO A 124 14.49 -7.29 -4.74
CA PRO A 124 15.60 -7.23 -3.77
C PRO A 124 15.18 -7.04 -2.31
N MET A 125 14.01 -6.42 -2.10
CA MET A 125 13.54 -6.15 -0.75
C MET A 125 12.52 -7.17 -0.24
N ALA A 126 12.27 -8.25 -1.01
CA ALA A 126 11.43 -9.35 -0.57
C ALA A 126 12.04 -9.92 0.72
N THR A 127 11.21 -10.29 1.69
CA THR A 127 11.68 -10.73 2.99
C THR A 127 11.88 -12.22 3.04
N VAL A 128 13.04 -12.62 3.58
CA VAL A 128 13.37 -14.01 3.78
C VAL A 128 12.91 -14.41 5.16
N LEU A 129 12.07 -15.44 5.20
CA LEU A 129 11.51 -15.97 6.41
C LEU A 129 12.58 -16.78 7.13
N ASP A 130 12.79 -16.43 8.40
CA ASP A 130 13.67 -17.14 9.32
C ASP A 130 12.65 -18.03 10.02
N GLU A 131 12.43 -19.24 9.46
CA GLU A 131 11.43 -20.20 9.93
C GLU A 131 11.36 -20.33 11.46
N GLU A 132 12.50 -20.65 12.11
CA GLU A 132 12.53 -20.83 13.56
C GLU A 132 12.12 -19.57 14.37
N ALA A 133 12.86 -18.45 14.20
CA ALA A 133 12.62 -17.20 14.94
C ALA A 133 11.30 -16.51 14.66
N HIS A 134 10.89 -16.45 13.37
CA HIS A 134 9.68 -15.74 12.98
C HIS A 134 8.42 -16.44 13.39
N LYS A 135 8.36 -17.79 13.27
CA LYS A 135 7.20 -18.56 13.70
C LYS A 135 7.08 -18.51 15.23
N LYS A 136 8.23 -18.61 15.94
CA LYS A 136 8.30 -18.55 17.40
C LYS A 136 7.71 -17.26 17.95
N ALA A 137 7.99 -16.12 17.27
CA ALA A 137 7.48 -14.79 17.62
C ALA A 137 5.95 -14.65 17.45
N GLU A 138 5.34 -15.56 16.67
CA GLU A 138 3.90 -15.54 16.37
C GLU A 138 3.09 -16.57 17.11
N VAL A 139 3.75 -17.35 18.00
CA VAL A 139 3.09 -18.39 18.80
C VAL A 139 1.91 -17.83 19.60
N GLY A 140 2.03 -16.65 20.23
CA GLY A 140 1.01 -16.00 21.05
C GLY A 140 -0.22 -15.55 20.30
N ILE A 141 0.00 -14.85 19.17
CA ILE A 141 -1.08 -14.39 18.30
C ILE A 141 -1.71 -15.57 17.58
N ALA A 142 -0.97 -16.70 17.45
CA ALA A 142 -1.50 -17.93 16.86
C ALA A 142 -2.74 -18.41 17.66
N THR A 143 -2.77 -18.16 18.98
CA THR A 143 -3.95 -18.50 19.78
C THR A 143 -4.82 -17.24 20.01
N SER A 144 -4.22 -16.09 20.43
CA SER A 144 -4.96 -14.86 20.75
C SER A 144 -5.83 -14.32 19.60
N ILE A 145 -5.27 -14.19 18.38
CA ILE A 145 -6.05 -13.67 17.26
C ILE A 145 -6.31 -14.74 16.20
N GLY A 146 -5.95 -15.99 16.51
CA GLY A 146 -6.10 -17.11 15.60
C GLY A 146 -5.16 -16.98 14.42
N SER A 147 -4.03 -16.27 14.62
CA SER A 147 -3.03 -16.07 13.60
C SER A 147 -2.53 -17.42 13.11
N THR A 148 -2.19 -17.46 11.82
CA THR A 148 -1.62 -18.66 11.21
C THR A 148 -0.25 -18.98 11.86
N GLY A 149 0.34 -17.98 12.50
CA GLY A 149 1.62 -18.09 13.18
C GLY A 149 2.74 -18.55 12.26
N GLN A 150 2.68 -18.16 10.99
CA GLN A 150 3.64 -18.58 9.98
C GLN A 150 4.87 -17.67 9.89
N GLY A 151 4.95 -16.65 10.75
CA GLY A 151 6.08 -15.75 10.82
C GLY A 151 5.97 -14.51 9.96
N SER A 152 4.87 -14.39 9.18
CA SER A 152 4.61 -13.29 8.26
C SER A 152 4.90 -11.90 8.82
N MET A 153 4.27 -11.51 9.94
CA MET A 153 4.46 -10.21 10.56
C MET A 153 5.84 -10.11 11.21
N ALA A 154 6.28 -11.19 11.90
CA ALA A 154 7.58 -11.20 12.59
C ALA A 154 8.73 -10.91 11.62
N ALA A 155 8.62 -11.45 10.39
CA ALA A 155 9.55 -11.27 9.29
C ALA A 155 9.51 -9.83 8.77
N MET A 156 8.28 -9.32 8.56
CA MET A 156 7.94 -7.98 8.10
C MET A 156 8.49 -6.93 9.10
N VAL A 157 8.32 -7.18 10.40
CA VAL A 157 8.78 -6.30 11.48
C VAL A 157 10.30 -6.27 11.47
N GLU A 158 10.95 -7.43 11.29
CA GLU A 158 12.41 -7.51 11.24
C GLU A 158 12.92 -6.65 10.08
N LYS A 159 12.22 -6.68 8.91
CA LYS A 159 12.54 -5.85 7.74
C LYS A 159 12.36 -4.37 8.08
N LEU A 160 11.31 -4.03 8.84
CA LEU A 160 11.00 -2.64 9.22
C LEU A 160 11.99 -2.06 10.19
N GLN A 161 12.73 -2.91 10.92
CA GLN A 161 13.72 -2.47 11.88
C GLN A 161 14.81 -1.62 11.21
N ARG A 162 15.09 -1.89 9.91
CA ARG A 162 16.06 -1.20 9.06
C ARG A 162 17.44 -1.05 9.74
N ASP A 163 17.87 -2.14 10.38
CA ASP A 163 19.14 -2.23 11.10
C ASP A 163 20.23 -2.54 10.06
N PRO A 164 21.15 -1.57 9.83
CA PRO A 164 22.20 -1.78 8.82
C PRO A 164 23.07 -3.01 9.10
N THR A 165 23.13 -3.47 10.36
CA THR A 165 23.95 -4.63 10.72
C THR A 165 23.22 -5.95 10.40
N ASN A 166 21.92 -5.88 10.05
CA ASN A 166 21.13 -7.05 9.70
C ASN A 166 21.11 -7.29 8.20
N ASN A 167 21.90 -8.29 7.79
CA ASN A 167 22.11 -8.73 6.41
C ASN A 167 21.37 -10.03 6.13
N THR A 168 20.45 -10.41 7.01
CA THR A 168 19.74 -11.68 6.93
C THR A 168 18.25 -11.57 6.66
N ILE A 169 17.73 -10.35 6.46
CA ILE A 169 16.27 -10.24 6.31
C ILE A 169 15.81 -9.99 4.86
N VAL A 170 16.44 -9.09 4.10
CA VAL A 170 15.98 -8.86 2.72
C VAL A 170 16.73 -9.77 1.73
N ALA A 171 16.02 -10.19 0.67
CA ALA A 171 16.51 -11.10 -0.38
C ALA A 171 17.84 -10.67 -1.01
N ARG A 172 18.04 -9.35 -1.12
CA ARG A 172 19.26 -8.75 -1.65
C ARG A 172 20.47 -9.14 -0.77
N ASP A 173 20.31 -9.05 0.55
CA ASP A 173 21.39 -9.34 1.48
C ASP A 173 21.60 -10.83 1.66
N VAL A 174 20.50 -11.59 1.71
CA VAL A 174 20.52 -13.05 1.87
C VAL A 174 21.16 -13.72 0.63
N ALA A 175 20.95 -13.15 -0.59
CA ALA A 175 21.57 -13.62 -1.84
C ALA A 175 23.11 -13.64 -1.75
N GLN A 176 23.71 -12.75 -0.94
CA GLN A 176 25.17 -12.69 -0.78
C GLN A 176 25.76 -13.89 0.02
N TYR A 177 24.95 -14.64 0.76
CA TYR A 177 25.50 -15.79 1.49
C TYR A 177 24.71 -17.09 1.23
N ASP A 178 23.50 -16.95 0.68
CA ASP A 178 22.63 -18.06 0.33
C ASP A 178 22.44 -18.05 -1.18
N GLY A 179 23.32 -18.79 -1.85
CA GLY A 179 23.40 -18.90 -3.30
C GLY A 179 22.14 -19.33 -4.01
N ARG A 180 21.25 -20.01 -3.28
CA ARG A 180 19.99 -20.54 -3.78
C ARG A 180 19.10 -19.49 -4.43
N ILE A 181 19.15 -18.25 -3.94
CA ILE A 181 18.29 -17.19 -4.45
C ILE A 181 19.05 -16.13 -5.24
N ALA A 182 20.41 -16.17 -5.19
CA ALA A 182 21.30 -15.22 -5.87
C ALA A 182 20.97 -15.02 -7.38
N GLN A 183 20.59 -16.10 -8.09
CA GLN A 183 20.21 -16.05 -9.52
C GLN A 183 18.86 -15.38 -9.74
N TYR A 184 17.98 -15.45 -8.73
CA TYR A 184 16.62 -14.89 -8.81
C TYR A 184 16.51 -13.45 -8.33
N VAL A 185 17.29 -13.08 -7.27
CA VAL A 185 17.26 -11.74 -6.71
C VAL A 185 17.71 -10.73 -7.75
N CYS A 186 16.85 -9.76 -8.06
CA CYS A 186 17.13 -8.74 -9.06
C CYS A 186 17.39 -7.40 -8.39
N THR A 187 17.43 -6.32 -9.18
CA THR A 187 17.58 -4.96 -8.68
C THR A 187 16.19 -4.27 -8.80
N VAL A 188 16.03 -3.05 -8.24
CA VAL A 188 14.77 -2.35 -8.35
C VAL A 188 14.55 -1.95 -9.83
N GLU A 189 15.63 -1.53 -10.53
CA GLU A 189 15.59 -1.20 -11.95
C GLU A 189 15.18 -2.43 -12.79
N GLU A 190 15.75 -3.64 -12.52
CA GLU A 190 15.37 -4.89 -13.19
C GLU A 190 13.89 -5.18 -13.00
N TRP A 191 13.37 -4.96 -11.78
CA TRP A 191 11.98 -5.14 -11.40
C TRP A 191 11.07 -4.27 -12.29
N ASP A 192 11.35 -2.97 -12.31
CA ASP A 192 10.62 -1.96 -13.07
C ASP A 192 10.62 -2.25 -14.57
N MET A 193 11.76 -2.72 -15.12
CA MET A 193 11.95 -3.06 -16.53
C MET A 193 11.22 -4.33 -16.89
N ALA A 194 11.18 -5.30 -15.95
CA ALA A 194 10.46 -6.55 -16.17
C ALA A 194 8.98 -6.25 -16.26
N LEU A 195 8.48 -5.27 -15.48
CA LEU A 195 7.07 -4.86 -15.54
C LEU A 195 6.82 -4.10 -16.83
N MET A 196 7.78 -3.27 -17.21
CA MET A 196 7.69 -2.47 -18.43
C MET A 196 7.67 -3.33 -19.68
N ALA A 197 8.48 -4.37 -19.68
CA ALA A 197 8.63 -5.30 -20.81
C ALA A 197 7.49 -6.31 -20.89
N SER A 198 6.69 -6.43 -19.83
CA SER A 198 5.58 -7.37 -19.78
C SER A 198 4.48 -7.00 -20.76
N GLU A 199 3.90 -8.02 -21.40
CA GLU A 199 2.80 -7.81 -22.33
C GLU A 199 1.46 -7.79 -21.54
N ARG A 200 1.21 -8.83 -20.73
CA ARG A 200 0.03 -9.00 -19.89
C ARG A 200 0.43 -9.61 -18.55
N ILE A 201 0.01 -8.95 -17.49
CA ILE A 201 0.38 -9.35 -16.13
C ILE A 201 -0.81 -9.85 -15.33
N LEU A 202 -0.58 -10.93 -14.57
CA LEU A 202 -1.52 -11.47 -13.61
C LEU A 202 -0.90 -11.20 -12.25
N ALA A 203 -1.49 -10.25 -11.51
CA ALA A 203 -1.06 -9.88 -10.17
C ALA A 203 -1.94 -10.67 -9.20
N GLU A 204 -1.33 -11.48 -8.35
CA GLU A 204 -2.09 -12.33 -7.46
C GLU A 204 -2.09 -11.85 -6.03
N GLY A 205 -3.25 -11.38 -5.61
CA GLY A 205 -3.48 -10.94 -4.26
C GLY A 205 -3.67 -12.14 -3.37
N ALA A 206 -3.38 -11.97 -2.09
CA ALA A 206 -3.49 -13.01 -1.09
C ALA A 206 -4.45 -12.53 0.00
N GLN A 207 -4.73 -13.45 0.95
CA GLN A 207 -5.51 -13.21 2.17
C GLN A 207 -6.92 -12.73 1.86
N GLY A 208 -7.42 -11.70 2.54
CA GLY A 208 -8.79 -11.28 2.36
C GLY A 208 -9.09 -9.87 2.76
N PHE A 209 -10.00 -9.21 2.01
CA PHE A 209 -10.40 -7.84 2.28
C PHE A 209 -10.68 -7.56 3.74
N SER A 210 -11.51 -8.40 4.39
CA SER A 210 -11.89 -8.17 5.79
C SER A 210 -10.78 -8.53 6.78
N LEU A 211 -9.70 -9.11 6.27
CA LEU A 211 -8.52 -9.46 7.05
C LEU A 211 -7.59 -8.28 7.09
N SER A 212 -7.79 -7.28 6.19
CA SER A 212 -6.97 -6.05 6.10
C SER A 212 -6.70 -5.48 7.46
N LEU A 213 -5.48 -5.12 7.73
CA LEU A 213 -5.07 -4.53 9.01
C LEU A 213 -5.95 -3.30 9.38
N ASN A 214 -6.45 -2.60 8.37
CA ASN A 214 -7.22 -1.39 8.62
C ASN A 214 -8.70 -1.53 8.36
N GLN A 215 -9.16 -2.79 8.30
CA GLN A 215 -10.58 -3.05 8.29
C GLN A 215 -11.00 -3.12 9.80
N GLU A 216 -12.30 -3.15 10.10
CA GLU A 216 -12.86 -3.01 11.46
C GLU A 216 -12.59 -4.13 12.51
N PHE A 217 -12.03 -5.27 12.12
CA PHE A 217 -11.82 -6.36 13.08
C PHE A 217 -10.52 -6.31 13.85
N TYR A 218 -9.70 -5.25 13.68
CA TYR A 218 -8.44 -5.09 14.41
C TYR A 218 -8.65 -5.38 15.91
N PRO A 219 -7.77 -6.16 16.58
CA PRO A 219 -6.51 -6.76 16.10
C PRO A 219 -6.65 -8.12 15.42
N TYR A 220 -7.89 -8.57 15.19
CA TYR A 220 -8.20 -9.85 14.59
C TYR A 220 -8.16 -9.66 13.10
N CYS A 221 -6.94 -9.46 12.59
CA CYS A 221 -6.66 -9.11 11.21
C CYS A 221 -5.25 -9.55 10.89
N THR A 222 -4.83 -9.35 9.63
CA THR A 222 -3.48 -9.64 9.18
C THR A 222 -2.63 -8.37 9.37
N SER A 223 -1.35 -8.48 9.03
CA SER A 223 -0.31 -7.46 9.18
C SER A 223 -0.23 -6.42 8.05
N ARG A 224 -1.22 -6.39 7.13
CA ARG A 224 -1.24 -5.41 6.04
C ARG A 224 -2.67 -5.26 5.55
N ASP A 225 -2.93 -4.28 4.67
CA ASP A 225 -4.23 -4.16 4.05
C ASP A 225 -4.25 -5.15 2.90
N CYS A 226 -5.38 -5.78 2.65
CA CYS A 226 -5.53 -6.75 1.57
C CYS A 226 -6.45 -6.15 0.54
N THR A 227 -6.00 -5.00 0.03
CA THR A 227 -6.75 -4.18 -0.90
C THR A 227 -5.95 -4.03 -2.18
N PRO A 228 -6.62 -3.68 -3.31
CA PRO A 228 -5.90 -3.47 -4.57
C PRO A 228 -4.74 -2.48 -4.45
N ALA A 229 -4.96 -1.31 -3.81
CA ALA A 229 -3.91 -0.30 -3.59
C ALA A 229 -2.70 -0.88 -2.85
N ARG A 230 -2.92 -1.69 -1.77
CA ARG A 230 -1.82 -2.31 -1.05
C ARG A 230 -1.16 -3.47 -1.84
N PHE A 231 -1.95 -4.26 -2.60
CA PHE A 231 -1.34 -5.35 -3.33
C PHE A 231 -0.49 -4.84 -4.47
N LEU A 232 -0.97 -3.77 -5.18
CA LEU A 232 -0.21 -3.11 -6.24
C LEU A 232 1.06 -2.47 -5.65
N ALA A 233 0.96 -1.86 -4.44
CA ALA A 233 2.10 -1.26 -3.76
C ALA A 233 3.16 -2.31 -3.43
N ASP A 234 2.72 -3.43 -2.79
CA ASP A 234 3.55 -4.57 -2.36
C ASP A 234 4.20 -5.30 -3.52
N MET A 235 3.70 -5.09 -4.74
CA MET A 235 4.22 -5.71 -5.95
C MET A 235 4.98 -4.66 -6.79
N GLY A 236 4.95 -3.41 -6.34
CA GLY A 236 5.64 -2.32 -7.01
C GLY A 236 5.07 -2.03 -8.39
N ILE A 237 3.77 -2.26 -8.55
CA ILE A 237 3.10 -2.02 -9.80
C ILE A 237 2.59 -0.59 -9.84
N PRO A 238 3.04 0.23 -10.82
CA PRO A 238 2.49 1.60 -10.94
C PRO A 238 0.98 1.51 -11.21
N LEU A 239 0.18 2.41 -10.61
CA LEU A 239 -1.28 2.39 -10.73
C LEU A 239 -1.80 2.39 -12.16
N PRO A 240 -1.24 3.15 -13.15
CA PRO A 240 -1.76 3.10 -14.53
C PRO A 240 -1.65 1.72 -15.21
N MET A 241 -0.88 0.79 -14.62
CA MET A 241 -0.71 -0.55 -15.13
C MET A 241 -1.93 -1.41 -14.90
N LEU A 242 -2.78 -1.01 -13.94
CA LEU A 242 -3.98 -1.75 -13.60
C LEU A 242 -5.01 -1.69 -14.72
N ASN A 243 -5.33 -2.88 -15.26
CA ASN A 243 -6.35 -3.08 -16.29
C ASN A 243 -7.66 -3.41 -15.58
N LYS A 244 -7.67 -4.52 -14.82
CA LYS A 244 -8.87 -4.94 -14.11
C LYS A 244 -8.54 -5.66 -12.81
N VAL A 245 -9.50 -5.58 -11.89
CA VAL A 245 -9.48 -6.22 -10.60
C VAL A 245 -10.50 -7.35 -10.63
N ILE A 246 -10.09 -8.55 -10.28
CA ILE A 246 -10.97 -9.66 -10.24
C ILE A 246 -11.14 -9.95 -8.79
N GLY A 247 -12.33 -9.73 -8.28
CA GLY A 247 -12.65 -9.95 -6.89
C GLY A 247 -13.12 -11.38 -6.67
N THR A 248 -12.70 -12.01 -5.55
CA THR A 248 -13.12 -13.37 -5.28
C THR A 248 -13.97 -13.45 -4.03
N ALA A 249 -14.98 -14.30 -4.09
CA ALA A 249 -15.93 -14.49 -2.99
C ALA A 249 -16.42 -15.91 -2.95
N ARG A 250 -16.75 -16.34 -1.74
CA ARG A 250 -17.32 -17.61 -1.35
C ARG A 250 -18.80 -17.37 -1.06
N CYS A 251 -19.64 -18.40 -1.26
CA CYS A 251 -21.06 -18.28 -0.93
C CYS A 251 -21.26 -18.20 0.59
N HIS A 252 -20.36 -18.86 1.33
CA HIS A 252 -20.32 -18.84 2.79
C HIS A 252 -18.89 -18.45 3.16
N PRO A 253 -18.64 -17.16 3.51
CA PRO A 253 -17.28 -16.76 3.89
C PRO A 253 -16.77 -17.55 5.09
N ILE A 254 -15.46 -17.67 5.20
CA ILE A 254 -14.83 -18.39 6.30
C ILE A 254 -13.85 -17.49 7.00
N ARG A 255 -13.42 -17.94 8.19
CA ARG A 255 -12.32 -17.37 8.96
C ARG A 255 -11.53 -18.61 9.35
N VAL A 256 -10.29 -18.44 9.80
CA VAL A 256 -9.53 -19.59 10.30
C VAL A 256 -10.15 -19.97 11.66
N GLY A 257 -9.80 -21.14 12.19
CA GLY A 257 -10.28 -21.61 13.49
C GLY A 257 -9.75 -20.80 14.65
N GLY A 258 -10.40 -20.97 15.80
CA GLY A 258 -10.03 -20.30 17.03
C GLY A 258 -10.63 -18.93 17.18
N THR A 259 -10.06 -18.11 18.08
CA THR A 259 -10.53 -16.75 18.37
C THR A 259 -9.98 -15.83 17.29
N SER A 260 -10.46 -16.04 16.06
CA SER A 260 -10.00 -15.39 14.83
C SER A 260 -10.73 -14.07 14.49
N GLY A 261 -11.58 -13.60 15.37
CA GLY A 261 -12.26 -12.32 15.20
C GLY A 261 -13.74 -12.35 14.90
N GLY A 262 -14.32 -11.18 14.91
CA GLY A 262 -15.75 -10.98 14.67
C GLY A 262 -16.20 -11.09 13.24
N HIS A 263 -17.49 -10.88 13.05
CA HIS A 263 -18.08 -10.93 11.73
C HIS A 263 -18.98 -9.73 11.58
N TYR A 264 -19.60 -9.60 10.42
CA TYR A 264 -20.46 -8.49 10.09
C TYR A 264 -21.86 -8.65 10.73
N PRO A 265 -22.60 -7.54 11.00
CA PRO A 265 -23.90 -7.64 11.71
C PRO A 265 -25.00 -8.46 11.01
N ASP A 266 -24.90 -8.64 9.68
CA ASP A 266 -25.84 -9.37 8.82
C ASP A 266 -25.40 -10.81 8.53
N GLN A 267 -24.48 -11.33 9.34
CA GLN A 267 -24.03 -12.69 9.13
C GLN A 267 -23.94 -13.45 10.42
N GLU A 268 -24.06 -14.76 10.32
CA GLU A 268 -23.99 -15.63 11.48
C GLU A 268 -23.00 -16.75 11.25
N GLU A 269 -22.33 -17.14 12.32
CA GLU A 269 -21.39 -18.24 12.27
C GLU A 269 -22.20 -19.52 12.18
N LEU A 270 -21.93 -20.28 11.13
CA LEU A 270 -22.59 -21.53 10.85
C LEU A 270 -21.66 -22.67 11.23
N THR A 271 -22.09 -23.91 10.98
CA THR A 271 -21.24 -25.09 11.20
C THR A 271 -21.11 -25.79 9.87
N TRP A 272 -20.12 -26.67 9.73
CA TRP A 272 -19.96 -27.46 8.52
C TRP A 272 -21.09 -28.46 8.40
N GLU A 273 -21.54 -29.00 9.57
CA GLU A 273 -22.67 -29.93 9.68
C GLU A 273 -23.96 -29.24 9.18
N GLN A 274 -24.13 -27.93 9.47
CA GLN A 274 -25.28 -27.14 9.03
C GLN A 274 -25.30 -26.97 7.51
N LEU A 275 -24.11 -26.87 6.88
CA LEU A 275 -23.98 -26.72 5.44
C LEU A 275 -24.00 -28.04 4.70
N GLY A 276 -23.88 -29.14 5.45
CA GLY A 276 -23.86 -30.50 4.92
C GLY A 276 -22.59 -30.77 4.14
N GLN A 277 -21.48 -30.15 4.59
CA GLN A 277 -20.19 -30.25 3.94
C GLN A 277 -19.13 -30.84 4.85
N VAL A 278 -18.08 -31.37 4.24
CA VAL A 278 -16.93 -31.95 4.93
C VAL A 278 -16.16 -30.78 5.56
N PRO A 279 -15.96 -30.81 6.90
CA PRO A 279 -15.25 -29.69 7.54
C PRO A 279 -13.95 -29.29 6.86
N GLU A 280 -13.90 -28.03 6.47
CA GLU A 280 -12.71 -27.47 5.85
C GLU A 280 -11.71 -27.17 6.95
N LEU A 281 -10.45 -27.46 6.72
CA LEU A 281 -9.44 -27.15 7.70
C LEU A 281 -8.17 -26.68 7.02
N THR A 282 -7.31 -25.91 7.74
CA THR A 282 -5.99 -25.49 7.22
C THR A 282 -5.23 -26.80 7.17
N THR A 283 -4.68 -27.14 6.01
CA THR A 283 -4.10 -28.46 5.82
C THR A 283 -2.98 -28.86 6.83
N VAL A 284 -2.01 -27.98 7.14
CA VAL A 284 -0.88 -28.38 7.99
C VAL A 284 -1.27 -28.55 9.46
N THR A 285 -1.96 -27.55 10.05
CA THR A 285 -2.34 -27.58 11.44
C THR A 285 -3.65 -28.38 11.68
N LYS A 286 -4.48 -28.56 10.63
CA LYS A 286 -5.77 -29.26 10.68
C LYS A 286 -6.79 -28.51 11.58
N LYS A 287 -6.63 -27.16 11.74
CA LYS A 287 -7.58 -26.31 12.48
C LYS A 287 -8.78 -26.15 11.57
N VAL A 288 -9.96 -26.47 12.08
CA VAL A 288 -11.20 -26.40 11.33
C VAL A 288 -11.57 -24.94 11.13
N ARG A 289 -11.82 -24.55 9.86
CA ARG A 289 -12.21 -23.20 9.47
C ARG A 289 -13.58 -22.84 10.06
N ARG A 290 -13.71 -21.60 10.54
CA ARG A 290 -15.00 -21.07 10.96
C ARG A 290 -15.73 -20.69 9.66
N VAL A 291 -17.03 -20.94 9.59
CA VAL A 291 -17.81 -20.66 8.38
C VAL A 291 -18.98 -19.77 8.76
N PHE A 292 -19.33 -18.84 7.87
CA PHE A 292 -20.35 -17.85 8.10
C PHE A 292 -21.31 -17.77 6.95
N SER A 293 -22.49 -17.18 7.21
CA SER A 293 -23.46 -16.94 6.14
C SER A 293 -22.91 -15.77 5.31
N PHE A 294 -23.38 -15.63 4.08
CA PHE A 294 -22.93 -14.55 3.23
C PHE A 294 -23.30 -13.20 3.82
N SER A 295 -22.37 -12.21 3.82
CA SER A 295 -22.66 -10.87 4.34
C SER A 295 -22.70 -9.85 3.24
N PHE A 296 -23.88 -9.22 3.06
CA PHE A 296 -24.08 -8.17 2.08
C PHE A 296 -23.28 -6.93 2.51
N ILE A 297 -23.23 -6.66 3.83
CA ILE A 297 -22.48 -5.53 4.40
C ILE A 297 -21.02 -5.69 3.97
N GLN A 298 -20.44 -6.91 4.14
CA GLN A 298 -19.07 -7.25 3.77
C GLN A 298 -18.86 -6.97 2.29
N MET A 299 -19.79 -7.42 1.45
CA MET A 299 -19.73 -7.19 0.01
C MET A 299 -19.72 -5.73 -0.33
N GLN A 300 -20.53 -4.93 0.33
CA GLN A 300 -20.58 -3.49 0.09
C GLN A 300 -19.27 -2.83 0.47
N LYS A 301 -18.71 -3.22 1.61
CA LYS A 301 -17.45 -2.74 2.15
C LYS A 301 -16.31 -3.10 1.23
N ALA A 302 -16.28 -4.38 0.78
CA ALA A 302 -15.29 -4.92 -0.16
C ALA A 302 -15.39 -4.21 -1.50
N MET A 303 -16.62 -4.09 -2.05
CA MET A 303 -16.89 -3.42 -3.32
C MET A 303 -16.45 -1.97 -3.26
N TRP A 304 -16.72 -1.28 -2.14
CA TRP A 304 -16.33 0.11 -2.01
C TRP A 304 -14.83 0.34 -2.20
N THR A 305 -14.01 -0.39 -1.44
CA THR A 305 -12.57 -0.30 -1.45
C THR A 305 -11.93 -1.03 -2.62
N CYS A 306 -12.23 -2.33 -2.78
CA CYS A 306 -11.61 -3.18 -3.79
C CYS A 306 -12.04 -2.86 -5.21
N GLN A 307 -13.27 -2.35 -5.40
CA GLN A 307 -13.82 -1.97 -6.71
C GLN A 307 -13.52 -2.98 -7.81
N PRO A 308 -13.88 -4.28 -7.65
CA PRO A 308 -13.55 -5.25 -8.71
C PRO A 308 -14.33 -4.94 -9.98
N ASP A 309 -13.79 -5.34 -11.11
CA ASP A 309 -14.42 -5.14 -12.40
C ASP A 309 -15.16 -6.43 -12.75
N GLU A 310 -14.64 -7.54 -12.23
CA GLU A 310 -15.15 -8.88 -12.43
C GLU A 310 -15.12 -9.61 -11.11
N VAL A 311 -16.06 -10.53 -10.94
CA VAL A 311 -16.11 -11.30 -9.72
C VAL A 311 -16.10 -12.79 -10.03
N PHE A 312 -15.38 -13.52 -9.21
CA PHE A 312 -15.34 -14.95 -9.19
C PHE A 312 -16.10 -15.35 -7.91
N LEU A 313 -17.26 -15.98 -8.09
CA LEU A 313 -18.01 -16.46 -6.94
C LEU A 313 -17.82 -17.96 -6.85
N ASN A 314 -17.09 -18.38 -5.83
CA ASN A 314 -16.70 -19.75 -5.57
C ASN A 314 -17.55 -20.42 -4.50
N PHE A 315 -17.39 -21.75 -4.36
CA PHE A 315 -18.08 -22.61 -3.38
C PHE A 315 -19.60 -22.57 -3.59
N CYS A 316 -20.02 -22.36 -4.87
CA CYS A 316 -21.42 -22.38 -5.31
C CYS A 316 -21.94 -23.81 -5.16
N ASN A 317 -21.01 -24.80 -5.17
CA ASN A 317 -21.27 -26.22 -4.97
C ASN A 317 -21.78 -26.53 -3.54
N TYR A 318 -21.68 -25.55 -2.62
CA TYR A 318 -22.12 -25.66 -1.22
C TYR A 318 -23.60 -25.31 -1.05
N LEU A 319 -24.16 -24.59 -2.07
CA LEU A 319 -25.54 -24.10 -2.19
C LEU A 319 -26.30 -24.71 -3.38
N SER A 320 -27.63 -24.55 -3.33
CA SER A 320 -28.58 -24.91 -4.39
C SER A 320 -28.47 -23.86 -5.53
N PRO A 321 -28.89 -24.14 -6.80
CA PRO A 321 -28.83 -23.09 -7.84
C PRO A 321 -29.46 -21.77 -7.42
N MET A 322 -30.61 -21.82 -6.72
CA MET A 322 -31.34 -20.66 -6.21
C MET A 322 -30.50 -19.84 -5.24
N GLY A 323 -29.82 -20.51 -4.31
CA GLY A 323 -28.98 -19.91 -3.30
C GLY A 323 -27.82 -19.11 -3.86
N TRP A 324 -27.03 -19.73 -4.77
CA TRP A 324 -25.86 -19.06 -5.35
C TRP A 324 -26.24 -18.06 -6.42
N GLN A 325 -27.36 -18.32 -7.13
CA GLN A 325 -27.88 -17.37 -8.12
C GLN A 325 -28.26 -16.10 -7.37
N ASP A 326 -28.89 -16.25 -6.17
CA ASP A 326 -29.27 -15.13 -5.31
C ASP A 326 -28.07 -14.32 -4.86
N ILE A 327 -27.00 -15.01 -4.44
CA ILE A 327 -25.72 -14.40 -4.01
C ILE A 327 -25.08 -13.63 -5.18
N VAL A 328 -25.17 -14.14 -6.41
CA VAL A 328 -24.67 -13.45 -7.61
C VAL A 328 -25.36 -12.07 -7.73
N HIS A 329 -26.70 -12.06 -7.65
CA HIS A 329 -27.47 -10.81 -7.74
C HIS A 329 -27.17 -9.87 -6.58
N GLN A 330 -26.93 -10.43 -5.39
CA GLN A 330 -26.57 -9.69 -4.18
C GLN A 330 -25.25 -8.98 -4.39
N ILE A 331 -24.23 -9.73 -4.86
CA ILE A 331 -22.89 -9.22 -5.15
C ILE A 331 -22.98 -8.05 -6.14
N GLU A 332 -23.77 -8.22 -7.20
CA GLU A 332 -23.89 -7.21 -8.25
C GLU A 332 -24.61 -5.96 -7.78
N VAL A 333 -25.59 -6.10 -6.86
CA VAL A 333 -26.28 -4.92 -6.34
C VAL A 333 -25.39 -4.25 -5.27
N ALA A 334 -24.67 -5.06 -4.45
CA ALA A 334 -23.74 -4.53 -3.45
C ALA A 334 -22.65 -3.72 -4.17
N ALA A 335 -22.23 -4.18 -5.37
CA ALA A 335 -21.28 -3.50 -6.24
C ALA A 335 -21.87 -2.17 -6.70
N GLN A 336 -23.04 -2.19 -7.36
CA GLN A 336 -23.74 -1.00 -7.86
C GLN A 336 -23.94 0.07 -6.77
N SER A 337 -24.28 -0.37 -5.54
CA SER A 337 -24.48 0.51 -4.39
C SER A 337 -23.20 1.26 -3.98
N ARG A 338 -22.05 0.66 -4.24
CA ARG A 338 -20.78 1.32 -3.90
C ARG A 338 -20.01 1.82 -5.11
N TYR A 339 -20.75 2.23 -6.16
CA TYR A 339 -20.29 2.80 -7.44
C TYR A 339 -19.41 1.87 -8.27
N CYS A 340 -19.49 0.59 -7.99
CA CYS A 340 -18.69 -0.44 -8.63
C CYS A 340 -19.50 -1.19 -9.69
N ASP A 341 -18.93 -1.30 -10.90
CA ASP A 341 -19.57 -1.96 -12.04
C ASP A 341 -19.26 -3.45 -12.09
N ALA A 342 -18.84 -4.07 -10.96
CA ALA A 342 -18.49 -5.49 -10.88
C ALA A 342 -19.54 -6.42 -11.46
N GLU A 343 -19.05 -7.35 -12.28
CA GLU A 343 -19.89 -8.34 -12.95
C GLU A 343 -19.40 -9.70 -12.48
N VAL A 344 -20.29 -10.55 -11.93
CA VAL A 344 -19.90 -11.91 -11.55
C VAL A 344 -19.78 -12.62 -12.89
N LYS A 345 -18.53 -12.82 -13.33
CA LYS A 345 -18.23 -13.39 -14.64
C LYS A 345 -17.95 -14.89 -14.52
N TYR A 346 -17.39 -15.31 -13.37
CA TYR A 346 -16.98 -16.68 -13.12
C TYR A 346 -17.62 -17.24 -11.86
N LEU A 347 -17.94 -18.53 -11.89
CA LEU A 347 -18.57 -19.27 -10.80
C LEU A 347 -17.80 -20.58 -10.54
N GLY A 348 -17.52 -20.82 -9.27
CA GLY A 348 -16.79 -22.00 -8.82
C GLY A 348 -17.68 -23.09 -8.26
N PHE A 349 -17.52 -24.30 -8.81
CA PHE A 349 -18.33 -25.44 -8.38
C PHE A 349 -17.46 -26.60 -7.90
N GLY A 350 -16.20 -26.31 -7.63
CA GLY A 350 -15.20 -27.28 -7.19
C GLY A 350 -13.80 -26.72 -7.20
N PRO A 351 -12.80 -27.51 -6.76
CA PRO A 351 -11.43 -26.97 -6.65
C PRO A 351 -10.57 -26.98 -7.91
N THR A 352 -11.05 -27.60 -8.99
CA THR A 352 -10.31 -27.74 -10.23
C THR A 352 -10.73 -26.73 -11.29
N PHE A 353 -9.93 -26.63 -12.37
CA PHE A 353 -10.14 -25.82 -13.55
C PHE A 353 -11.50 -26.12 -14.21
N ASN A 354 -11.90 -27.41 -14.25
CA ASN A 354 -13.16 -27.89 -14.86
C ASN A 354 -14.41 -27.36 -14.17
N ASP A 355 -14.23 -26.93 -12.92
CA ASP A 355 -15.26 -26.44 -12.04
C ASP A 355 -15.44 -24.93 -12.10
N VAL A 356 -14.62 -24.23 -12.91
CA VAL A 356 -14.79 -22.81 -13.10
C VAL A 356 -15.69 -22.66 -14.32
N GLU A 357 -16.88 -22.11 -14.08
CA GLU A 357 -17.85 -21.90 -15.14
C GLU A 357 -18.03 -20.43 -15.38
N LEU A 358 -18.30 -20.05 -16.64
CA LEU A 358 -18.65 -18.67 -16.93
C LEU A 358 -20.09 -18.53 -16.42
N ARG A 359 -20.35 -17.48 -15.63
CA ARG A 359 -21.66 -17.21 -15.05
C ARG A 359 -22.77 -17.29 -16.12
N GLU A 360 -22.57 -16.62 -17.27
CA GLU A 360 -23.51 -16.57 -18.39
C GLU A 360 -23.90 -17.95 -18.97
N ASP A 361 -23.15 -19.01 -18.62
CA ASP A 361 -23.39 -20.39 -19.09
C ASP A 361 -24.24 -21.21 -18.10
N VAL A 362 -24.23 -20.84 -16.83
CA VAL A 362 -24.96 -21.58 -15.79
C VAL A 362 -26.21 -20.84 -15.26
N MET A 363 -26.40 -19.56 -15.65
CA MET A 363 -27.55 -18.73 -15.23
C MET A 363 -27.83 -17.54 -16.17
N HIS B 20 -18.76 12.75 -10.79
CA HIS B 20 -17.80 11.70 -11.14
C HIS B 20 -17.01 11.18 -9.93
N MET B 21 -16.63 9.91 -9.99
CA MET B 21 -15.91 9.24 -8.94
C MET B 21 -14.44 9.59 -8.80
N GLU B 22 -13.82 10.04 -9.88
CA GLU B 22 -12.41 10.40 -9.82
C GLU B 22 -12.35 11.79 -9.29
N ASN B 23 -11.96 11.94 -8.05
CA ASN B 23 -11.96 13.23 -7.43
C ASN B 23 -10.91 13.47 -6.38
N VAL B 24 -9.97 12.57 -6.33
CA VAL B 24 -8.83 12.63 -5.41
C VAL B 24 -7.58 13.12 -6.16
N ASP B 25 -7.00 14.22 -5.66
CA ASP B 25 -5.76 14.79 -6.16
C ASP B 25 -4.76 14.41 -5.10
N LEU B 26 -3.83 13.53 -5.47
CA LEU B 26 -2.83 13.01 -4.55
C LEU B 26 -1.47 13.65 -4.79
N VAL B 27 -0.93 14.27 -3.76
CA VAL B 27 0.37 14.92 -3.80
C VAL B 27 1.40 13.87 -3.38
N ILE B 28 2.42 13.57 -4.23
CA ILE B 28 3.47 12.58 -3.97
C ILE B 28 4.85 13.16 -4.29
N ASP B 29 5.82 12.91 -3.40
CA ASP B 29 7.21 13.31 -3.55
C ASP B 29 7.91 12.43 -4.54
N LEU B 30 8.70 13.01 -5.45
CA LEU B 30 9.41 12.26 -6.49
C LEU B 30 10.92 12.03 -6.18
N GLN B 31 11.40 12.51 -5.03
CA GLN B 31 12.80 12.40 -4.65
C GLN B 31 12.97 11.79 -3.25
N PHE B 32 13.81 12.39 -2.37
CA PHE B 32 14.01 11.84 -1.01
C PHE B 32 13.28 12.67 0.07
N GLY B 33 12.17 13.30 -0.31
CA GLY B 33 11.41 14.13 0.61
C GLY B 33 11.85 15.58 0.63
N SER B 34 11.19 16.38 1.47
CA SER B 34 11.40 17.80 1.69
C SER B 34 11.40 18.64 0.40
N THR B 35 10.50 18.28 -0.53
CA THR B 35 10.36 18.98 -1.82
C THR B 35 9.39 20.14 -1.73
N GLY B 36 8.68 20.24 -0.61
CA GLY B 36 7.68 21.29 -0.41
C GLY B 36 6.28 20.82 -0.73
N LYS B 37 5.93 19.59 -0.27
CA LYS B 37 4.59 19.04 -0.44
C LYS B 37 3.61 19.83 0.43
N GLY B 38 4.08 20.32 1.58
CA GLY B 38 3.30 21.15 2.49
C GLY B 38 2.85 22.43 1.81
N LEU B 39 3.71 22.98 0.96
CA LEU B 39 3.43 24.21 0.20
C LEU B 39 2.44 23.94 -0.93
N ILE B 40 2.69 22.91 -1.75
CA ILE B 40 1.79 22.62 -2.86
C ILE B 40 0.38 22.21 -2.34
N ALA B 41 0.31 21.50 -1.18
CA ALA B 41 -0.93 21.09 -0.50
C ALA B 41 -1.77 22.31 -0.15
N GLY B 42 -1.18 23.25 0.56
CA GLY B 42 -1.85 24.48 0.95
C GLY B 42 -2.22 25.34 -0.23
N TYR B 43 -1.32 25.42 -1.24
CA TYR B 43 -1.55 26.18 -2.48
C TYR B 43 -2.75 25.61 -3.24
N LEU B 44 -2.74 24.29 -3.49
CA LEU B 44 -3.80 23.60 -4.21
C LEU B 44 -5.11 23.64 -3.44
N ALA B 45 -5.04 23.53 -2.10
CA ALA B 45 -6.23 23.63 -1.23
C ALA B 45 -6.94 24.96 -1.43
N GLU B 46 -6.17 26.06 -1.45
CA GLU B 46 -6.68 27.42 -1.64
C GLU B 46 -7.20 27.65 -3.05
N LYS B 47 -6.54 27.07 -4.06
CA LYS B 47 -6.94 27.25 -5.47
C LYS B 47 -8.12 26.39 -5.87
N ASN B 48 -8.16 25.14 -5.40
CA ASN B 48 -9.17 24.17 -5.80
C ASN B 48 -10.35 23.99 -4.85
N GLY B 49 -10.24 24.52 -3.64
CA GLY B 49 -11.30 24.49 -2.64
C GLY B 49 -11.90 23.12 -2.35
N TYR B 50 -11.03 22.12 -2.13
CA TYR B 50 -11.45 20.77 -1.76
C TYR B 50 -12.30 20.81 -0.48
N ASP B 51 -13.34 19.97 -0.40
CA ASP B 51 -14.13 19.88 0.82
C ASP B 51 -13.49 18.86 1.77
N THR B 52 -12.72 17.89 1.22
CA THR B 52 -12.04 16.88 2.02
C THR B 52 -10.55 16.89 1.81
N VAL B 53 -9.81 16.99 2.91
CA VAL B 53 -8.36 16.93 2.93
C VAL B 53 -8.01 15.69 3.74
N ILE B 54 -7.11 14.84 3.22
CA ILE B 54 -6.80 13.57 3.85
C ILE B 54 -5.30 13.30 3.77
N ASN B 55 -4.73 12.65 4.80
CA ASN B 55 -3.31 12.27 4.79
C ASN B 55 -3.15 11.00 5.59
N ALA B 56 -1.92 10.53 5.75
CA ALA B 56 -1.57 9.35 6.51
C ALA B 56 -0.13 9.62 6.92
N ASN B 57 0.05 10.68 7.69
CA ASN B 57 1.35 11.10 8.13
C ASN B 57 1.86 10.38 9.36
N MET B 58 3.18 10.32 9.50
CA MET B 58 3.90 9.71 10.62
C MET B 58 4.75 10.83 11.21
N PRO B 59 5.23 10.75 12.48
CA PRO B 59 5.94 11.89 13.07
C PRO B 59 7.31 12.22 12.47
N ASN B 60 7.79 11.42 11.51
CA ASN B 60 9.05 11.68 10.82
C ASN B 60 8.91 12.83 9.82
N ALA B 61 7.68 13.09 9.36
CA ALA B 61 7.33 14.13 8.39
C ALA B 61 6.64 15.36 8.98
N GLY B 62 7.26 16.50 8.78
CA GLY B 62 6.74 17.81 9.16
C GLY B 62 6.52 18.57 7.86
N HIS B 63 5.33 19.19 7.69
CA HIS B 63 4.96 19.89 6.46
C HIS B 63 4.61 21.33 6.68
N THR B 64 5.30 22.22 5.98
CA THR B 64 5.12 23.65 6.13
C THR B 64 4.34 24.28 5.00
N TYR B 65 3.34 25.09 5.36
CA TYR B 65 2.61 25.92 4.42
C TYR B 65 2.60 27.35 4.94
N ILE B 66 2.82 28.31 4.07
CA ILE B 66 2.78 29.73 4.41
C ILE B 66 1.87 30.35 3.37
N ASN B 67 0.77 30.99 3.80
CA ASN B 67 -0.19 31.59 2.87
C ASN B 67 0.30 32.97 2.38
N ALA B 68 -0.50 33.64 1.54
CA ALA B 68 -0.19 34.95 0.97
C ALA B 68 0.05 36.05 2.03
N GLU B 69 -0.62 35.93 3.21
CA GLU B 69 -0.54 36.92 4.29
C GLU B 69 0.59 36.64 5.30
N GLY B 70 1.32 35.54 5.09
CA GLY B 70 2.45 35.19 5.93
C GLY B 70 2.13 34.23 7.05
N ARG B 71 0.87 33.78 7.15
CA ARG B 71 0.47 32.82 8.18
C ARG B 71 1.13 31.47 7.87
N LYS B 72 1.78 30.88 8.87
CA LYS B 72 2.53 29.64 8.74
C LYS B 72 1.88 28.49 9.51
N TRP B 73 1.84 27.33 8.85
CA TRP B 73 1.35 26.06 9.36
C TRP B 73 2.46 25.03 9.20
N MET B 74 3.01 24.55 10.31
CA MET B 74 3.98 23.47 10.30
C MET B 74 3.22 22.34 10.94
N HIS B 75 2.84 21.36 10.11
CA HIS B 75 2.02 20.24 10.53
C HIS B 75 2.73 18.93 10.44
N LYS B 76 2.57 18.11 11.47
CA LYS B 76 3.06 16.75 11.54
C LYS B 76 1.85 15.82 11.56
N VAL B 77 0.66 16.33 11.87
CA VAL B 77 -0.51 15.47 11.98
C VAL B 77 -1.56 15.86 10.94
N LEU B 78 -2.03 17.10 11.03
CA LEU B 78 -3.09 17.63 10.17
C LEU B 78 -2.66 17.89 8.73
N PRO B 79 -3.50 17.56 7.72
CA PRO B 79 -3.16 17.94 6.35
C PRO B 79 -2.95 19.47 6.26
N ASN B 80 -2.12 19.93 5.33
CA ASN B 80 -1.90 21.37 5.13
C ASN B 80 -3.06 21.99 4.39
N GLY B 81 -3.81 21.13 3.71
CA GLY B 81 -4.98 21.51 2.94
C GLY B 81 -6.16 22.02 3.75
N ILE B 82 -6.04 22.07 5.10
CA ILE B 82 -7.11 22.60 5.99
C ILE B 82 -7.39 24.09 5.71
N VAL B 83 -6.53 24.71 4.89
CA VAL B 83 -6.63 26.10 4.45
C VAL B 83 -7.62 26.25 3.27
N SER B 84 -8.22 25.12 2.84
CA SER B 84 -9.21 25.13 1.78
C SER B 84 -10.39 25.99 2.22
N PRO B 85 -10.81 26.94 1.36
CA PRO B 85 -11.96 27.78 1.74
C PRO B 85 -13.29 26.99 1.84
N ASN B 86 -13.34 25.78 1.26
CA ASN B 86 -14.55 24.96 1.31
C ASN B 86 -14.38 23.72 2.19
N LEU B 87 -13.46 23.79 3.18
CA LEU B 87 -13.20 22.67 4.09
C LEU B 87 -14.45 22.18 4.83
N LYS B 88 -14.74 20.87 4.70
CA LYS B 88 -15.88 20.17 5.27
C LYS B 88 -15.37 18.98 6.09
N ARG B 89 -14.29 18.29 5.59
CA ARG B 89 -13.71 17.12 6.25
C ARG B 89 -12.20 17.15 6.28
N VAL B 90 -11.63 16.73 7.43
CA VAL B 90 -10.19 16.62 7.65
C VAL B 90 -10.02 15.16 8.04
N MET B 91 -9.28 14.38 7.25
CA MET B 91 -9.20 12.96 7.51
C MET B 91 -7.78 12.43 7.73
N LEU B 92 -7.57 11.80 8.90
CA LEU B 92 -6.29 11.22 9.28
C LEU B 92 -6.36 9.73 9.04
N GLY B 93 -5.67 9.27 7.98
CA GLY B 93 -5.63 7.90 7.50
C GLY B 93 -5.23 6.86 8.52
N ALA B 94 -5.53 5.59 8.22
CA ALA B 94 -5.17 4.43 9.02
C ALA B 94 -3.66 4.30 9.13
N GLY B 95 -2.93 4.74 8.09
CA GLY B 95 -1.48 4.72 8.07
C GLY B 95 -0.84 5.81 8.91
N SER B 96 -1.66 6.70 9.50
CA SER B 96 -1.18 7.80 10.35
C SER B 96 -0.58 7.31 11.66
N VAL B 97 0.53 7.91 12.05
CA VAL B 97 1.15 7.69 13.36
C VAL B 97 1.16 9.12 13.90
N PHE B 98 0.44 9.35 15.03
CA PHE B 98 0.36 10.73 15.52
C PHE B 98 0.49 10.90 17.02
N SER B 99 1.01 12.07 17.41
CA SER B 99 1.09 12.44 18.80
C SER B 99 -0.21 13.20 19.07
N ILE B 100 -1.00 12.74 20.07
CA ILE B 100 -2.25 13.37 20.45
C ILE B 100 -1.99 14.80 20.90
N ASN B 101 -0.90 15.02 21.66
CA ASN B 101 -0.46 16.33 22.14
C ASN B 101 -0.27 17.27 20.96
N ARG B 102 0.48 16.77 19.92
CA ARG B 102 0.78 17.46 18.68
C ARG B 102 -0.49 17.76 17.89
N LEU B 103 -1.40 16.79 17.80
CA LEU B 103 -2.69 16.95 17.13
C LEU B 103 -3.53 18.05 17.80
N MET B 104 -3.56 18.07 19.15
CA MET B 104 -4.26 19.07 19.96
C MET B 104 -3.76 20.48 19.69
N GLU B 105 -2.43 20.66 19.63
CA GLU B 105 -1.77 21.94 19.32
C GLU B 105 -2.12 22.42 17.93
N GLU B 106 -2.11 21.50 16.94
CA GLU B 106 -2.39 21.80 15.53
C GLU B 106 -3.82 22.19 15.31
N ILE B 107 -4.76 21.52 16.00
CA ILE B 107 -6.18 21.83 15.95
C ILE B 107 -6.37 23.23 16.58
N GLU B 108 -5.84 23.44 17.79
CA GLU B 108 -5.94 24.72 18.48
C GLU B 108 -5.44 25.89 17.62
N MET B 109 -4.29 25.70 16.95
CA MET B 109 -3.68 26.74 16.14
C MET B 109 -4.45 27.07 14.87
N SER B 110 -5.32 26.17 14.42
CA SER B 110 -6.17 26.40 13.26
C SER B 110 -7.65 26.26 13.61
N LYS B 111 -8.00 26.53 14.88
CA LYS B 111 -9.39 26.40 15.36
C LYS B 111 -10.39 27.27 14.57
N ASP B 112 -9.90 28.39 13.97
CA ASP B 112 -10.69 29.27 13.10
C ASP B 112 -11.09 28.56 11.82
N LEU B 113 -10.20 27.67 11.33
CA LEU B 113 -10.41 26.92 10.10
C LEU B 113 -11.20 25.65 10.40
N LEU B 114 -10.97 25.07 11.60
CA LEU B 114 -11.58 23.83 12.07
C LEU B 114 -12.78 24.14 12.94
N HIS B 115 -13.72 24.88 12.33
CA HIS B 115 -14.97 25.32 12.95
C HIS B 115 -15.97 24.16 13.07
N ASP B 116 -17.12 24.42 13.72
CA ASP B 116 -18.21 23.46 13.97
C ASP B 116 -18.68 22.66 12.76
N LYS B 117 -18.63 23.25 11.54
CA LYS B 117 -19.08 22.56 10.32
C LYS B 117 -17.94 21.76 9.61
N VAL B 118 -16.76 21.70 10.26
CA VAL B 118 -15.64 20.93 9.77
C VAL B 118 -15.55 19.68 10.64
N ALA B 119 -15.63 18.49 10.02
CA ALA B 119 -15.50 17.22 10.71
C ALA B 119 -14.07 16.72 10.59
N ILE B 120 -13.43 16.48 11.74
CA ILE B 120 -12.08 15.94 11.82
C ILE B 120 -12.27 14.47 12.09
N LEU B 121 -11.81 13.63 11.17
CA LEU B 121 -11.96 12.18 11.27
C LEU B 121 -10.63 11.49 11.41
N ILE B 122 -10.43 10.83 12.55
CA ILE B 122 -9.21 10.07 12.79
C ILE B 122 -9.59 8.62 12.50
N HIS B 123 -8.96 7.96 11.49
CA HIS B 123 -9.29 6.57 11.17
C HIS B 123 -9.18 5.73 12.47
N PRO B 124 -10.12 4.80 12.75
CA PRO B 124 -10.04 4.03 14.00
C PRO B 124 -8.72 3.27 14.19
N MET B 125 -8.04 2.94 13.08
CA MET B 125 -6.81 2.17 13.16
C MET B 125 -5.56 3.05 13.05
N ALA B 126 -5.72 4.40 13.02
CA ALA B 126 -4.61 5.33 13.06
C ALA B 126 -3.84 5.07 14.36
N THR B 127 -2.53 5.12 14.29
CA THR B 127 -1.67 4.77 15.42
C THR B 127 -1.36 5.96 16.30
N VAL B 128 -1.50 5.76 17.61
CA VAL B 128 -1.19 6.76 18.60
C VAL B 128 0.25 6.57 19.01
N LEU B 129 1.03 7.63 18.86
CA LEU B 129 2.43 7.64 19.21
C LEU B 129 2.58 7.73 20.71
N ASP B 130 3.32 6.78 21.27
CA ASP B 130 3.70 6.71 22.67
C ASP B 130 5.08 7.36 22.62
N GLU B 131 5.11 8.70 22.79
CA GLU B 131 6.31 9.53 22.65
C GLU B 131 7.55 8.92 23.32
N GLU B 132 7.49 8.60 24.63
CA GLU B 132 8.63 8.00 25.34
C GLU B 132 9.14 6.69 24.75
N ALA B 133 8.29 5.63 24.74
CA ALA B 133 8.67 4.29 24.26
C ALA B 133 9.01 4.18 22.78
N HIS B 134 8.23 4.85 21.90
CA HIS B 134 8.44 4.75 20.45
C HIS B 134 9.68 5.47 19.98
N LYS B 135 9.97 6.69 20.50
CA LYS B 135 11.18 7.42 20.14
C LYS B 135 12.40 6.66 20.68
N LYS B 136 12.31 6.13 21.92
CA LYS B 136 13.41 5.37 22.55
C LYS B 136 13.82 4.15 21.72
N ALA B 137 12.84 3.45 21.11
CA ALA B 137 13.04 2.29 20.24
C ALA B 137 13.74 2.63 18.92
N GLU B 138 13.71 3.91 18.57
CA GLU B 138 14.30 4.37 17.33
C GLU B 138 15.62 5.08 17.52
N VAL B 139 16.07 5.15 18.75
CA VAL B 139 17.37 5.70 19.02
C VAL B 139 18.19 4.53 18.55
N GLY B 140 19.10 4.76 17.63
CA GLY B 140 19.84 3.65 17.11
C GLY B 140 19.80 3.89 15.64
N ILE B 141 18.62 3.75 15.04
CA ILE B 141 18.50 4.02 13.64
C ILE B 141 18.55 5.51 13.46
N ALA B 142 18.28 6.23 14.51
CA ALA B 142 18.39 7.68 14.46
C ALA B 142 19.83 8.07 14.04
N THR B 143 20.85 7.29 14.45
CA THR B 143 22.22 7.53 14.02
C THR B 143 22.62 6.60 12.86
N SER B 144 22.33 5.27 12.95
CA SER B 144 22.71 4.26 11.94
C SER B 144 22.16 4.54 10.54
N ILE B 145 20.86 4.83 10.39
CA ILE B 145 20.32 5.12 9.06
C ILE B 145 19.89 6.59 8.92
N GLY B 146 20.24 7.41 9.91
CA GLY B 146 19.88 8.82 9.93
C GLY B 146 18.39 8.99 10.09
N SER B 147 17.71 7.99 10.72
CA SER B 147 16.28 8.02 10.96
C SER B 147 15.95 9.26 11.78
N THR B 148 14.78 9.81 11.54
CA THR B 148 14.30 10.96 12.28
C THR B 148 14.12 10.57 13.79
N GLY B 149 14.01 9.27 14.05
CA GLY B 149 13.82 8.68 15.38
C GLY B 149 12.60 9.22 16.09
N GLN B 150 11.55 9.53 15.31
CA GLN B 150 10.32 10.13 15.83
C GLN B 150 9.32 9.09 16.33
N GLY B 151 9.68 7.81 16.29
CA GLY B 151 8.84 6.71 16.76
C GLY B 151 7.91 6.11 15.73
N SER B 152 7.90 6.66 14.50
CA SER B 152 7.06 6.25 13.37
C SER B 152 6.96 4.72 13.18
N MET B 153 8.10 4.03 12.97
CA MET B 153 8.11 2.59 12.76
C MET B 153 7.79 1.85 14.06
N ALA B 154 8.32 2.32 15.21
CA ALA B 154 8.15 1.67 16.50
C ALA B 154 6.69 1.57 16.86
N ALA B 155 5.89 2.61 16.52
CA ALA B 155 4.46 2.66 16.73
C ALA B 155 3.77 1.72 15.76
N MET B 156 4.16 1.79 14.48
CA MET B 156 3.66 0.97 13.39
C MET B 156 3.85 -0.52 13.73
N VAL B 157 5.01 -0.87 14.27
CA VAL B 157 5.33 -2.23 14.67
C VAL B 157 4.47 -2.64 15.86
N GLU B 158 4.25 -1.72 16.83
CA GLU B 158 3.38 -2.00 17.97
C GLU B 158 1.97 -2.31 17.47
N LYS B 159 1.48 -1.57 16.46
CA LYS B 159 0.19 -1.79 15.84
C LYS B 159 0.16 -3.18 15.14
N LEU B 160 1.27 -3.57 14.51
CA LEU B 160 1.38 -4.85 13.79
C LEU B 160 1.42 -6.04 14.70
N GLN B 161 1.75 -5.82 15.99
CA GLN B 161 1.79 -6.89 16.98
C GLN B 161 0.43 -7.56 17.15
N ARG B 162 -0.67 -6.77 16.92
CA ARG B 162 -2.07 -7.21 16.97
C ARG B 162 -2.41 -7.98 18.27
N ASP B 163 -1.91 -7.44 19.40
CA ASP B 163 -2.10 -8.03 20.73
C ASP B 163 -3.42 -7.52 21.26
N PRO B 164 -4.41 -8.44 21.41
CA PRO B 164 -5.74 -8.03 21.92
C PRO B 164 -5.71 -7.35 23.27
N THR B 165 -4.66 -7.60 24.09
CA THR B 165 -4.53 -7.01 25.42
C THR B 165 -3.97 -5.58 25.36
N ASN B 166 -3.49 -5.15 24.17
CA ASN B 166 -2.96 -3.81 23.97
C ASN B 166 -4.04 -2.86 23.44
N ASN B 167 -4.55 -2.02 24.35
CA ASN B 167 -5.61 -1.04 24.13
C ASN B 167 -5.06 0.37 24.01
N THR B 168 -3.73 0.49 23.84
CA THR B 168 -3.08 1.79 23.82
C THR B 168 -2.45 2.17 22.48
N ILE B 169 -2.60 1.36 21.43
CA ILE B 169 -1.91 1.66 20.19
C ILE B 169 -2.82 2.25 19.09
N VAL B 170 -4.01 1.69 18.85
CA VAL B 170 -4.88 2.24 17.80
C VAL B 170 -5.83 3.30 18.39
N ALA B 171 -6.12 4.35 17.57
CA ALA B 171 -6.96 5.49 17.93
C ALA B 171 -8.34 5.09 18.50
N ARG B 172 -8.90 3.98 17.99
CA ARG B 172 -10.17 3.42 18.44
C ARG B 172 -10.10 3.05 19.93
N ASP B 173 -9.01 2.39 20.34
CA ASP B 173 -8.85 1.95 21.72
C ASP B 173 -8.46 3.08 22.64
N VAL B 174 -7.58 3.98 22.15
CA VAL B 174 -7.09 5.15 22.90
C VAL B 174 -8.24 6.14 23.17
N ALA B 175 -9.20 6.29 22.23
CA ALA B 175 -10.39 7.14 22.38
C ALA B 175 -11.22 6.74 23.59
N GLN B 176 -11.17 5.45 24.00
CA GLN B 176 -11.95 4.97 25.16
C GLN B 176 -11.43 5.48 26.50
N TYR B 177 -10.16 5.95 26.57
CA TYR B 177 -9.63 6.45 27.87
C TYR B 177 -9.03 7.86 27.74
N ASP B 178 -8.79 8.31 26.51
CA ASP B 178 -8.24 9.64 26.22
C ASP B 178 -9.27 10.38 25.41
N GLY B 179 -10.10 11.11 26.14
CA GLY B 179 -11.23 11.88 25.64
C GLY B 179 -10.93 12.94 24.61
N ARG B 180 -9.65 13.37 24.54
CA ARG B 180 -9.18 14.37 23.58
C ARG B 180 -9.42 13.99 22.12
N ILE B 181 -9.38 12.69 21.81
CA ILE B 181 -9.56 12.22 20.44
C ILE B 181 -10.88 11.51 20.21
N ALA B 182 -11.62 11.21 21.29
CA ALA B 182 -12.91 10.51 21.24
C ALA B 182 -13.91 11.12 20.25
N GLN B 183 -13.97 12.47 20.15
CA GLN B 183 -14.85 13.18 19.21
C GLN B 183 -14.40 13.00 17.76
N TYR B 184 -13.10 12.81 17.55
CA TYR B 184 -12.50 12.68 16.21
C TYR B 184 -12.43 11.25 15.68
N VAL B 185 -12.17 10.27 16.57
CA VAL B 185 -12.06 8.87 16.15
C VAL B 185 -13.38 8.39 15.60
N CYS B 186 -13.35 7.91 14.35
CA CYS B 186 -14.56 7.44 13.69
C CYS B 186 -14.53 5.92 13.56
N THR B 187 -15.45 5.35 12.77
CA THR B 187 -15.50 3.93 12.48
C THR B 187 -15.02 3.74 11.03
N VAL B 188 -14.83 2.48 10.59
CA VAL B 188 -14.40 2.22 9.22
C VAL B 188 -15.53 2.62 8.26
N GLU B 189 -16.79 2.36 8.64
CA GLU B 189 -17.98 2.77 7.87
C GLU B 189 -18.05 4.30 7.74
N GLU B 190 -17.83 5.05 8.85
CA GLU B 190 -17.80 6.52 8.85
C GLU B 190 -16.74 7.03 7.87
N TRP B 191 -15.56 6.37 7.86
CA TRP B 191 -14.42 6.69 7.00
C TRP B 191 -14.81 6.58 5.53
N ASP B 192 -15.35 5.41 5.16
CA ASP B 192 -15.80 5.07 3.82
C ASP B 192 -16.87 6.03 3.31
N MET B 193 -17.83 6.40 4.19
CA MET B 193 -18.94 7.31 3.88
C MET B 193 -18.46 8.72 3.73
N ALA B 194 -17.47 9.14 4.53
CA ALA B 194 -16.91 10.48 4.44
C ALA B 194 -16.20 10.63 3.10
N LEU B 195 -15.54 9.54 2.60
CA LEU B 195 -14.90 9.58 1.28
C LEU B 195 -15.96 9.59 0.20
N MET B 196 -17.01 8.80 0.37
CA MET B 196 -18.12 8.72 -0.56
C MET B 196 -18.87 10.02 -0.71
N ALA B 197 -19.07 10.70 0.39
CA ALA B 197 -19.79 11.98 0.46
C ALA B 197 -18.94 13.18 0.02
N SER B 198 -17.63 12.99 -0.10
CA SER B 198 -16.72 14.05 -0.52
C SER B 198 -16.94 14.46 -1.96
N GLU B 199 -16.86 15.77 -2.23
CA GLU B 199 -17.03 16.31 -3.57
C GLU B 199 -15.66 16.28 -4.30
N ARG B 200 -14.62 16.85 -3.65
CA ARG B 200 -13.25 16.91 -4.13
C ARG B 200 -12.28 16.68 -2.97
N ILE B 201 -11.36 15.75 -3.17
CA ILE B 201 -10.41 15.37 -2.15
C ILE B 201 -8.99 15.72 -2.50
N LEU B 202 -8.26 16.22 -1.51
CA LEU B 202 -6.84 16.47 -1.59
C LEU B 202 -6.22 15.45 -0.65
N ALA B 203 -5.53 14.45 -1.24
CA ALA B 203 -4.83 13.40 -0.53
C ALA B 203 -3.38 13.84 -0.45
N GLU B 204 -2.87 13.97 0.76
CA GLU B 204 -1.52 14.47 0.94
C GLU B 204 -0.54 13.41 1.32
N GLY B 205 0.34 13.11 0.37
CA GLY B 205 1.42 12.16 0.55
C GLY B 205 2.54 12.83 1.33
N ALA B 206 3.30 11.99 2.04
CA ALA B 206 4.42 12.42 2.84
C ALA B 206 5.69 11.75 2.37
N GLN B 207 6.82 12.15 2.97
CA GLN B 207 8.12 11.58 2.78
C GLN B 207 8.60 11.70 1.31
N GLY B 208 9.18 10.65 0.76
CA GLY B 208 9.71 10.73 -0.58
C GLY B 208 9.82 9.42 -1.31
N PHE B 209 9.62 9.44 -2.62
CA PHE B 209 9.71 8.25 -3.44
C PHE B 209 10.94 7.40 -3.17
N SER B 210 12.14 8.01 -3.15
CA SER B 210 13.38 7.26 -2.95
C SER B 210 13.59 6.83 -1.48
N LEU B 211 12.72 7.29 -0.59
CA LEU B 211 12.72 6.93 0.82
C LEU B 211 11.91 5.68 1.01
N SER B 212 11.07 5.30 0.00
CA SER B 212 10.22 4.10 0.02
C SER B 212 10.99 2.91 0.54
N LEU B 213 10.37 2.15 1.46
CA LEU B 213 10.98 0.96 2.04
C LEU B 213 11.46 -0.04 0.95
N ASN B 214 10.78 -0.03 -0.20
CA ASN B 214 11.10 -0.97 -1.26
C ASN B 214 11.83 -0.36 -2.44
N GLN B 215 12.35 0.86 -2.25
CA GLN B 215 13.26 1.43 -3.22
C GLN B 215 14.68 0.91 -2.87
N GLU B 216 15.69 1.13 -3.72
CA GLU B 216 17.02 0.52 -3.63
C GLU B 216 17.95 0.91 -2.46
N PHE B 217 17.61 1.94 -1.67
CA PHE B 217 18.52 2.37 -0.59
C PHE B 217 18.35 1.61 0.72
N TYR B 218 17.46 0.59 0.80
CA TYR B 218 17.26 -0.21 2.01
C TYR B 218 18.61 -0.62 2.60
N PRO B 219 18.84 -0.49 3.93
CA PRO B 219 17.90 -0.07 4.99
C PRO B 219 17.82 1.43 5.24
N TYR B 220 18.45 2.22 4.38
CA TYR B 220 18.48 3.67 4.49
C TYR B 220 17.24 4.19 3.79
N CYS B 221 16.10 3.93 4.43
CA CYS B 221 14.77 4.23 3.91
C CYS B 221 13.81 4.37 5.06
N THR B 222 12.56 4.72 4.74
CA THR B 222 11.50 4.82 5.72
C THR B 222 10.81 3.46 5.87
N SER B 223 9.82 3.40 6.76
CA SER B 223 9.10 2.20 7.17
C SER B 223 7.90 1.81 6.27
N ARG B 224 7.77 2.47 5.11
CA ARG B 224 6.71 2.15 4.14
C ARG B 224 7.11 2.61 2.75
N ASP B 225 6.34 2.25 1.73
CA ASP B 225 6.58 2.77 0.39
C ASP B 225 5.94 4.14 0.35
N CYS B 226 6.57 5.07 -0.35
CA CYS B 226 6.06 6.44 -0.46
C CYS B 226 5.64 6.62 -1.90
N THR B 227 4.70 5.77 -2.29
CA THR B 227 4.20 5.69 -3.65
C THR B 227 2.70 5.97 -3.66
N PRO B 228 2.14 6.38 -4.82
CA PRO B 228 0.70 6.61 -4.89
C PRO B 228 -0.13 5.42 -4.38
N ALA B 229 0.20 4.18 -4.82
CA ALA B 229 -0.48 2.96 -4.41
C ALA B 229 -0.48 2.80 -2.88
N ARG B 230 0.68 3.04 -2.23
CA ARG B 230 0.76 2.93 -0.77
C ARG B 230 0.08 4.11 -0.05
N PHE B 231 0.12 5.32 -0.61
CA PHE B 231 -0.52 6.44 0.07
C PHE B 231 -2.01 6.32 0.01
N LEU B 232 -2.55 5.87 -1.15
CA LEU B 232 -3.98 5.60 -1.32
C LEU B 232 -4.40 4.48 -0.38
N ALA B 233 -3.57 3.43 -0.23
CA ALA B 233 -3.85 2.29 0.67
C ALA B 233 -3.94 2.76 2.12
N ASP B 234 -2.90 3.53 2.57
CA ASP B 234 -2.77 4.08 3.92
C ASP B 234 -3.84 5.08 4.29
N MET B 235 -4.54 5.60 3.29
CA MET B 235 -5.64 6.55 3.47
C MET B 235 -6.98 5.87 3.22
N GLY B 236 -6.95 4.61 2.79
CA GLY B 236 -8.14 3.80 2.53
C GLY B 236 -8.95 4.35 1.37
N ILE B 237 -8.25 4.95 0.40
CA ILE B 237 -8.90 5.53 -0.77
C ILE B 237 -9.02 4.47 -1.85
N PRO B 238 -10.25 4.11 -2.27
CA PRO B 238 -10.37 3.16 -3.40
C PRO B 238 -9.69 3.75 -4.64
N LEU B 239 -9.02 2.91 -5.44
CA LEU B 239 -8.27 3.35 -6.63
C LEU B 239 -9.11 4.15 -7.65
N PRO B 240 -10.41 3.83 -7.92
CA PRO B 240 -11.18 4.65 -8.88
C PRO B 240 -11.41 6.09 -8.44
N MET B 241 -11.14 6.40 -7.18
CA MET B 241 -11.31 7.75 -6.66
C MET B 241 -10.18 8.67 -7.11
N LEU B 242 -9.06 8.10 -7.55
CA LEU B 242 -7.92 8.87 -8.00
C LEU B 242 -8.22 9.59 -9.31
N ASN B 243 -8.15 10.93 -9.25
CA ASN B 243 -8.32 11.83 -10.38
C ASN B 243 -6.92 12.11 -10.96
N LYS B 244 -6.02 12.70 -10.14
CA LYS B 244 -4.69 13.02 -10.57
C LYS B 244 -3.67 12.91 -9.44
N VAL B 245 -2.42 12.69 -9.86
CA VAL B 245 -1.25 12.61 -8.99
C VAL B 245 -0.39 13.85 -9.29
N ILE B 246 -0.07 14.61 -8.27
CA ILE B 246 0.75 15.75 -8.44
C ILE B 246 2.04 15.39 -7.79
N GLY B 247 3.07 15.23 -8.60
CA GLY B 247 4.40 14.86 -8.15
C GLY B 247 5.19 16.08 -7.74
N THR B 248 5.97 16.00 -6.67
CA THR B 248 6.79 17.13 -6.23
C THR B 248 8.27 16.83 -6.33
N ALA B 249 9.03 17.85 -6.72
CA ALA B 249 10.47 17.73 -6.92
C ALA B 249 11.16 19.05 -6.61
N ARG B 250 12.40 18.93 -6.15
CA ARG B 250 13.34 19.99 -5.83
C ARG B 250 14.36 20.03 -6.98
N CYS B 251 14.95 21.21 -7.21
CA CYS B 251 15.98 21.34 -8.23
C CYS B 251 17.27 20.60 -7.78
N HIS B 252 17.49 20.57 -6.46
CA HIS B 252 18.60 19.88 -5.82
C HIS B 252 17.97 19.01 -4.74
N PRO B 253 17.76 17.68 -5.00
CA PRO B 253 17.18 16.80 -3.96
C PRO B 253 18.03 16.81 -2.70
N ILE B 254 17.39 16.53 -1.57
CA ILE B 254 18.05 16.48 -0.28
C ILE B 254 17.81 15.12 0.39
N ARG B 255 18.57 14.87 1.43
CA ARG B 255 18.42 13.75 2.36
C ARG B 255 18.59 14.43 3.72
N VAL B 256 18.18 13.76 4.80
CA VAL B 256 18.41 14.31 6.14
C VAL B 256 19.93 14.19 6.42
N GLY B 257 20.44 14.87 7.45
CA GLY B 257 21.83 14.76 7.84
C GLY B 257 22.22 13.39 8.39
N GLY B 258 23.52 13.15 8.48
CA GLY B 258 24.09 11.90 8.97
C GLY B 258 24.20 10.82 7.93
N THR B 259 24.37 9.57 8.38
CA THR B 259 24.51 8.39 7.51
C THR B 259 23.12 7.98 7.06
N SER B 260 22.48 8.86 6.25
CA SER B 260 21.11 8.74 5.78
C SER B 260 20.91 7.97 4.46
N GLY B 261 21.99 7.36 3.96
CA GLY B 261 21.93 6.53 2.77
C GLY B 261 22.57 7.07 1.52
N GLY B 262 22.60 6.21 0.52
CA GLY B 262 23.20 6.51 -0.78
C GLY B 262 22.38 7.41 -1.68
N HIS B 263 22.91 7.63 -2.86
CA HIS B 263 22.26 8.44 -3.88
C HIS B 263 22.36 7.71 -5.18
N TYR B 264 21.78 8.29 -6.21
CA TYR B 264 21.74 7.72 -7.54
C TYR B 264 23.07 7.90 -8.30
N PRO B 265 23.40 7.01 -9.26
CA PRO B 265 24.74 7.07 -9.91
C PRO B 265 25.07 8.35 -10.69
N ASP B 266 24.05 9.13 -11.11
CA ASP B 266 24.13 10.38 -11.87
C ASP B 266 23.98 11.62 -10.98
N GLN B 267 24.21 11.46 -9.68
CA GLN B 267 24.12 12.61 -8.81
C GLN B 267 25.28 12.63 -7.83
N GLU B 268 25.60 13.83 -7.35
CA GLU B 268 26.69 14.01 -6.42
C GLU B 268 26.21 14.81 -5.23
N GLU B 269 26.76 14.48 -4.05
CA GLU B 269 26.45 15.21 -2.85
C GLU B 269 27.18 16.55 -2.92
N LEU B 270 26.39 17.61 -2.83
CA LEU B 270 26.87 18.98 -2.91
C LEU B 270 26.91 19.55 -1.50
N THR B 271 27.27 20.83 -1.39
CA THR B 271 27.24 21.55 -0.11
C THR B 271 26.31 22.73 -0.33
N TRP B 272 25.83 23.31 0.77
CA TRP B 272 24.97 24.48 0.70
C TRP B 272 25.81 25.67 0.25
N GLU B 273 27.09 25.70 0.66
CA GLU B 273 28.07 26.72 0.26
C GLU B 273 28.29 26.68 -1.26
N GLN B 274 28.29 25.46 -1.86
CA GLN B 274 28.44 25.25 -3.31
C GLN B 274 27.25 25.82 -4.08
N LEU B 275 26.04 25.72 -3.50
CA LEU B 275 24.79 26.23 -4.10
C LEU B 275 24.58 27.71 -3.86
N GLY B 276 25.35 28.28 -2.94
CA GLY B 276 25.27 29.69 -2.54
C GLY B 276 24.01 29.96 -1.78
N GLN B 277 23.53 28.96 -1.02
CA GLN B 277 22.30 29.04 -0.23
C GLN B 277 22.55 28.86 1.25
N VAL B 278 21.60 29.37 2.05
CA VAL B 278 21.64 29.25 3.50
C VAL B 278 21.38 27.75 3.85
N PRO B 279 22.31 27.11 4.60
CA PRO B 279 22.12 25.69 4.94
C PRO B 279 20.75 25.35 5.49
N GLU B 280 20.08 24.42 4.81
CA GLU B 280 18.76 23.94 5.21
C GLU B 280 18.96 22.97 6.35
N LEU B 281 18.24 23.23 7.44
CA LEU B 281 18.30 22.41 8.63
C LEU B 281 17.03 21.58 8.67
N THR B 282 17.21 20.25 8.76
CA THR B 282 16.14 19.23 8.78
C THR B 282 14.94 19.65 9.60
N THR B 283 13.74 19.35 9.09
CA THR B 283 12.46 19.68 9.69
C THR B 283 12.35 19.09 11.13
N VAL B 284 12.62 17.79 11.28
CA VAL B 284 12.54 17.07 12.56
C VAL B 284 13.77 17.24 13.47
N THR B 285 14.99 17.15 12.92
CA THR B 285 16.24 17.30 13.70
C THR B 285 16.82 18.73 13.59
N LYS B 286 17.83 19.06 14.41
CA LYS B 286 18.51 20.36 14.33
C LYS B 286 19.57 20.32 13.20
N LYS B 287 19.93 19.08 12.77
CA LYS B 287 20.90 18.71 11.72
C LYS B 287 20.74 19.43 10.38
N VAL B 288 21.86 19.63 9.66
CA VAL B 288 21.89 20.23 8.33
C VAL B 288 21.57 19.13 7.29
N ARG B 289 20.63 19.40 6.37
CA ARG B 289 20.22 18.48 5.32
C ARG B 289 21.35 18.24 4.33
N ARG B 290 21.49 17.00 3.88
CA ARG B 290 22.44 16.65 2.83
C ARG B 290 21.77 17.12 1.54
N VAL B 291 22.52 17.66 0.60
CA VAL B 291 21.98 18.17 -0.66
C VAL B 291 22.71 17.54 -1.81
N PHE B 292 21.98 17.25 -2.88
CA PHE B 292 22.51 16.56 -4.04
C PHE B 292 22.16 17.25 -5.30
N SER B 293 22.88 16.94 -6.37
CA SER B 293 22.56 17.48 -7.68
C SER B 293 21.31 16.74 -8.15
N PHE B 294 20.58 17.31 -9.10
CA PHE B 294 19.39 16.68 -9.63
C PHE B 294 19.73 15.34 -10.29
N SER B 295 18.95 14.28 -10.02
CA SER B 295 19.18 12.96 -10.63
C SER B 295 18.10 12.63 -11.63
N PHE B 296 18.49 12.48 -12.89
CA PHE B 296 17.59 12.10 -13.97
C PHE B 296 17.13 10.65 -13.75
N ILE B 297 18.05 9.79 -13.26
CA ILE B 297 17.76 8.39 -12.94
C ILE B 297 16.62 8.36 -11.92
N GLN B 298 16.74 9.17 -10.83
CA GLN B 298 15.74 9.29 -9.78
C GLN B 298 14.40 9.68 -10.36
N MET B 299 14.39 10.70 -11.23
CA MET B 299 13.18 11.15 -11.92
C MET B 299 12.55 10.07 -12.74
N GLN B 300 13.34 9.29 -13.48
CA GLN B 300 12.83 8.20 -14.28
C GLN B 300 12.19 7.15 -13.44
N LYS B 301 12.85 6.78 -12.31
CA LYS B 301 12.41 5.79 -11.33
C LYS B 301 11.13 6.24 -10.67
N ALA B 302 11.08 7.52 -10.24
CA ALA B 302 9.91 8.15 -9.64
C ALA B 302 8.76 8.21 -10.63
N MET B 303 8.99 8.71 -11.85
CA MET B 303 8.01 8.79 -12.94
C MET B 303 7.44 7.40 -13.25
N TRP B 304 8.31 6.37 -13.32
CA TRP B 304 7.83 5.03 -13.60
C TRP B 304 6.77 4.54 -12.62
N THR B 305 7.06 4.60 -11.31
CA THR B 305 6.19 4.15 -10.25
C THR B 305 5.09 5.15 -9.90
N CYS B 306 5.46 6.41 -9.60
CA CYS B 306 4.52 7.44 -9.16
C CYS B 306 3.58 7.93 -10.25
N GLN B 307 4.03 7.89 -11.52
CA GLN B 307 3.23 8.30 -12.68
C GLN B 307 2.44 9.59 -12.44
N PRO B 308 3.10 10.72 -12.07
CA PRO B 308 2.33 11.94 -11.82
C PRO B 308 1.72 12.47 -13.10
N ASP B 309 0.62 13.18 -12.98
CA ASP B 309 -0.08 13.79 -14.11
C ASP B 309 0.41 15.23 -14.26
N GLU B 310 0.80 15.80 -13.11
CA GLU B 310 1.28 17.16 -12.97
C GLU B 310 2.47 17.15 -12.04
N VAL B 311 3.38 18.10 -12.25
CA VAL B 311 4.55 18.19 -11.42
C VAL B 311 4.68 19.59 -10.85
N PHE B 312 5.08 19.64 -9.59
CA PHE B 312 5.45 20.83 -8.88
C PHE B 312 6.97 20.78 -8.75
N LEU B 313 7.67 21.69 -9.44
CA LEU B 313 9.11 21.76 -9.31
C LEU B 313 9.44 22.95 -8.42
N ASN B 314 9.90 22.65 -7.22
CA ASN B 314 10.21 23.61 -6.17
C ASN B 314 11.70 23.89 -6.06
N PHE B 315 12.05 24.93 -5.26
CA PHE B 315 13.41 25.38 -4.99
C PHE B 315 14.12 25.84 -6.28
N CYS B 316 13.30 26.36 -7.23
CA CYS B 316 13.74 26.94 -8.50
C CYS B 316 14.51 28.21 -8.19
N ASN B 317 14.23 28.81 -7.02
CA ASN B 317 14.89 30.01 -6.48
C ASN B 317 16.39 29.75 -6.16
N TYR B 318 16.81 28.47 -6.16
CA TYR B 318 18.17 28.02 -5.88
C TYR B 318 19.07 28.04 -7.11
N LEU B 319 18.48 28.19 -8.29
CA LEU B 319 19.32 28.25 -9.45
C LEU B 319 18.73 29.26 -10.47
N SER B 320 19.47 29.50 -11.55
CA SER B 320 19.20 30.50 -12.59
C SER B 320 18.00 30.09 -13.44
N PRO B 321 17.31 31.03 -14.17
CA PRO B 321 16.19 30.60 -15.02
C PRO B 321 16.56 29.44 -15.95
N MET B 322 17.77 29.47 -16.54
CA MET B 322 18.29 28.43 -17.42
C MET B 322 18.39 27.07 -16.75
N GLY B 323 18.88 27.06 -15.52
CA GLY B 323 19.06 25.86 -14.73
C GLY B 323 17.77 25.13 -14.39
N TRP B 324 16.76 25.87 -13.85
CA TRP B 324 15.47 25.26 -13.49
C TRP B 324 14.62 24.99 -14.72
N GLN B 325 14.74 25.82 -15.79
CA GLN B 325 14.04 25.58 -17.04
C GLN B 325 14.57 24.26 -17.61
N ASP B 326 15.90 24.01 -17.49
CA ASP B 326 16.53 22.76 -17.94
C ASP B 326 15.98 21.56 -17.18
N ILE B 327 15.84 21.70 -15.83
CA ILE B 327 15.30 20.65 -14.96
C ILE B 327 13.83 20.36 -15.31
N VAL B 328 13.05 21.39 -15.71
CA VAL B 328 11.65 21.23 -16.15
C VAL B 328 11.63 20.30 -17.36
N HIS B 329 12.48 20.57 -18.37
CA HIS B 329 12.53 19.75 -19.58
C HIS B 329 13.03 18.34 -19.27
N GLN B 330 13.97 18.20 -18.31
CA GLN B 330 14.52 16.93 -17.86
C GLN B 330 13.41 16.10 -17.27
N ILE B 331 12.64 16.68 -16.33
CA ILE B 331 11.51 16.05 -15.66
C ILE B 331 10.51 15.54 -16.69
N GLU B 332 10.16 16.39 -17.67
CA GLU B 332 9.18 16.05 -18.71
C GLU B 332 9.65 14.95 -19.65
N VAL B 333 10.96 14.90 -19.94
CA VAL B 333 11.48 13.84 -20.79
C VAL B 333 11.63 12.57 -19.96
N ALA B 334 12.06 12.67 -18.68
CA ALA B 334 12.15 11.53 -17.76
C ALA B 334 10.76 10.89 -17.60
N ALA B 335 9.69 11.74 -17.58
CA ALA B 335 8.30 11.32 -17.54
C ALA B 335 7.95 10.55 -18.81
N GLN B 336 8.12 11.19 -19.98
CA GLN B 336 7.84 10.59 -21.30
C GLN B 336 8.56 9.24 -21.51
N SER B 337 9.80 9.13 -21.03
CA SER B 337 10.60 7.91 -21.12
C SER B 337 10.00 6.75 -20.30
N ARG B 338 9.28 7.07 -19.24
CA ARG B 338 8.67 6.04 -18.41
C ARG B 338 7.16 5.96 -18.56
N TYR B 339 6.67 6.29 -19.79
CA TYR B 339 5.28 6.26 -20.23
C TYR B 339 4.34 7.19 -19.47
N CYS B 340 4.91 8.17 -18.81
CA CYS B 340 4.20 9.14 -17.99
C CYS B 340 4.03 10.47 -18.72
N ASP B 341 2.78 10.98 -18.72
CA ASP B 341 2.39 12.21 -19.39
C ASP B 341 2.58 13.44 -18.51
N ALA B 342 3.35 13.33 -17.40
CA ALA B 342 3.58 14.42 -16.44
C ALA B 342 3.96 15.73 -17.07
N GLU B 343 3.31 16.78 -16.62
CA GLU B 343 3.51 18.12 -17.11
C GLU B 343 3.93 18.95 -15.89
N VAL B 344 5.08 19.64 -15.96
CA VAL B 344 5.48 20.52 -14.86
C VAL B 344 4.53 21.71 -15.00
N LYS B 345 3.52 21.77 -14.14
CA LYS B 345 2.47 22.78 -14.19
C LYS B 345 2.77 23.92 -13.22
N TYR B 346 3.45 23.59 -12.09
CA TYR B 346 3.76 24.53 -11.03
C TYR B 346 5.24 24.59 -10.73
N LEU B 347 5.71 25.79 -10.38
CA LEU B 347 7.10 26.08 -10.06
C LEU B 347 7.19 26.87 -8.74
N GLY B 348 8.01 26.41 -7.79
CA GLY B 348 8.17 27.04 -6.49
C GLY B 348 9.42 27.91 -6.44
N PHE B 349 9.27 29.18 -6.06
CA PHE B 349 10.35 30.15 -6.00
C PHE B 349 10.53 30.70 -4.58
N GLY B 350 9.95 30.00 -3.62
CA GLY B 350 9.98 30.39 -2.22
C GLY B 350 9.05 29.55 -1.37
N PRO B 351 9.02 29.78 -0.05
CA PRO B 351 8.20 28.90 0.82
C PRO B 351 6.72 29.27 0.96
N THR B 352 6.31 30.42 0.41
CA THR B 352 4.94 30.90 0.53
C THR B 352 4.11 30.64 -0.72
N PHE B 353 2.78 30.85 -0.59
CA PHE B 353 1.76 30.75 -1.62
C PHE B 353 2.09 31.63 -2.83
N ASN B 354 2.61 32.85 -2.57
CA ASN B 354 2.96 33.85 -3.59
C ASN B 354 4.08 33.42 -4.50
N ASP B 355 4.85 32.44 -4.04
CA ASP B 355 6.01 31.88 -4.69
C ASP B 355 5.69 30.66 -5.56
N VAL B 356 4.42 30.25 -5.58
CA VAL B 356 4.03 29.16 -6.46
C VAL B 356 3.54 29.80 -7.74
N GLU B 357 4.24 29.53 -8.81
CA GLU B 357 3.91 30.11 -10.11
C GLU B 357 3.49 29.02 -11.05
N LEU B 358 2.59 29.34 -11.98
CA LEU B 358 2.22 28.40 -13.02
C LEU B 358 3.40 28.43 -13.97
N ARG B 359 3.91 27.25 -14.34
CA ARG B 359 5.04 27.09 -15.25
C ARG B 359 4.84 27.95 -16.53
N GLU B 360 3.67 27.86 -17.18
CA GLU B 360 3.31 28.59 -18.39
C GLU B 360 3.41 30.13 -18.27
N ASP B 361 3.53 30.68 -17.03
CA ASP B 361 3.66 32.11 -16.77
C ASP B 361 5.12 32.56 -16.65
N VAL B 362 6.01 31.66 -16.27
CA VAL B 362 7.43 32.00 -16.06
C VAL B 362 8.38 31.45 -17.16
N MET B 363 7.86 30.58 -18.07
CA MET B 363 8.64 29.97 -19.17
C MET B 363 7.77 29.50 -20.34
S SO4 C . -10.37 -11.82 -20.21
O1 SO4 C . -9.88 -11.85 -18.82
O2 SO4 C . -9.30 -11.36 -21.10
O3 SO4 C . -10.82 -13.17 -20.58
O4 SO4 C . -11.50 -10.88 -20.36
S SO4 D . 11.50 -8.74 -23.39
O1 SO4 D . 12.75 -8.25 -22.81
O2 SO4 D . 11.80 -10.00 -24.09
O3 SO4 D . 10.91 -7.77 -24.30
O4 SO4 D . 10.56 -8.99 -22.31
S SO4 E . 8.45 -24.04 5.47
O1 SO4 E . 9.52 -24.15 4.47
O2 SO4 E . 8.81 -23.02 6.47
O3 SO4 E . 8.28 -25.32 6.14
O4 SO4 E . 7.20 -23.65 4.82
S SO4 F . 17.12 -24.64 7.32
O1 SO4 F . 18.12 -25.30 6.50
O2 SO4 F . 17.79 -23.73 8.26
O3 SO4 F . 16.34 -25.66 8.04
O4 SO4 F . 16.22 -23.86 6.49
P DGP G . -1.71 -13.76 10.36
OP1 DGP G . -1.72 -12.82 9.20
OP2 DGP G . -1.05 -15.09 10.08
OP3 DGP G . -1.13 -13.13 11.62
O5' DGP G . -3.24 -14.09 10.73
C5' DGP G . -4.14 -13.14 11.34
C4' DGP G . -5.56 -13.43 10.92
O4' DGP G . -5.69 -13.31 9.48
C3' DGP G . -6.11 -14.81 11.27
O3' DGP G . -7.50 -14.72 11.58
C2' DGP G . -5.89 -15.61 9.99
C1' DGP G . -6.09 -14.54 8.92
N9 DGP G . -5.28 -14.77 7.71
C8 DGP G . -4.13 -14.11 7.35
N7 DGP G . -3.70 -14.45 6.16
C5 DGP G . -4.60 -15.39 5.71
C6 DGP G . -4.74 -16.02 4.45
O6 DGP G . -4.00 -15.85 3.48
N1 DGP G . -5.88 -16.81 4.36
C2 DGP G . -6.81 -16.95 5.35
N2 DGP G . -7.92 -17.62 5.05
N3 DGP G . -6.71 -16.37 6.55
C4 DGP G . -5.59 -15.61 6.66
PG ACP H . -5.66 -17.23 0.91
O1G ACP H . -5.29 -16.15 -0.05
O2G ACP H . -6.80 -16.74 1.83
O3G ACP H . -4.50 -17.71 1.80
PB ACP H . -6.91 -18.80 -1.45
O1B ACP H . -5.98 -18.75 -2.65
O2B ACP H . -8.01 -17.73 -1.62
C3B ACP H . -6.24 -18.79 0.22
PA ACP H . -7.07 -21.57 -1.93
O1A ACP H . -5.81 -22.00 -1.28
O2A ACP H . -7.28 -21.67 -3.41
O3A ACP H . -7.61 -20.13 -1.50
O5' ACP H . -8.18 -22.15 -0.92
C5' ACP H . -9.39 -22.85 -1.16
C4' ACP H . -9.24 -24.25 -0.62
O4' ACP H . -10.45 -24.97 -0.90
C3' ACP H . -8.16 -25.10 -1.27
O3' ACP H . -7.88 -26.27 -0.50
C2' ACP H . -8.84 -25.47 -2.59
O2' ACP H . -8.29 -26.67 -3.15
C1' ACP H . -10.30 -25.68 -2.13
N9 ACP H . -11.32 -25.19 -3.03
C8 ACP H . -11.31 -24.08 -3.83
N7 ACP H . -12.43 -23.87 -4.49
C5 ACP H . -13.25 -24.90 -4.09
C6 ACP H . -14.60 -25.20 -4.33
N6 ACP H . -15.40 -24.46 -5.10
N1 ACP H . -15.13 -26.29 -3.73
C2 ACP H . -14.36 -27.01 -2.91
N3 ACP H . -13.09 -26.82 -2.57
C4 ACP H . -12.58 -25.74 -3.19
N ASP I . -3.96 -22.85 5.46
CA ASP I . -3.47 -23.08 4.12
C ASP I . -4.23 -24.22 3.47
O ASP I . -3.82 -24.69 2.38
CB ASP I . -1.95 -23.35 4.15
CG ASP I . -1.49 -24.60 4.89
OD1 ASP I . -0.45 -25.19 4.48
OD2 ASP I . -2.14 -24.99 5.89
OXT ASP I . -5.27 -24.64 4.03
P DGP J . 12.52 7.27 9.57
OP1 DGP J . 12.88 6.04 10.34
OP2 DGP J . 11.37 7.02 8.62
OP3 DGP J . 12.23 8.44 10.42
O5' DGP J . 13.76 7.71 8.67
C5' DGP J . 14.45 6.89 7.72
C4' DGP J . 14.95 7.76 6.58
O4' DGP J . 13.83 8.42 5.93
C3' DGP J . 15.94 8.86 6.95
O3' DGP J . 16.89 9.00 5.90
C2' DGP J . 15.05 10.09 7.05
C1' DGP J . 14.02 9.83 5.96
N9 DGP J . 12.72 10.46 6.22
C8 DGP J . 11.61 9.90 6.79
N7 DGP J . 10.53 10.65 6.68
C5 DGP J . 10.96 11.77 6.00
C6 DGP J . 10.25 12.90 5.48
O6 DGP J . 9.05 13.15 5.60
N1 DGP J . 11.07 13.76 4.79
C2 DGP J . 12.42 13.61 4.60
N2 DGP J . 13.04 14.56 3.92
N3 DGP J . 13.11 12.58 5.08
C4 DGP J . 12.33 11.69 5.75
S SO4 K . -7.11 22.16 -11.31
O1 SO4 K . -6.21 21.80 -10.20
O2 SO4 K . -6.35 22.92 -12.29
O3 SO4 K . -7.63 20.94 -11.93
O4 SO4 K . -8.22 22.98 -10.84
PG ACP L . 8.17 15.57 3.51
O1G ACP L . 6.88 14.83 3.48
O2G ACP L . 9.35 14.69 3.05
O3G ACP L . 8.49 16.09 4.93
PB ACP L . 7.43 18.42 2.84
O1B ACP L . 7.33 18.39 4.31
O2B ACP L . 5.98 18.42 2.34
C3B ACP L . 8.24 16.92 2.31
PA ACP L . 8.04 21.09 3.41
O1A ACP L . 7.66 20.90 4.80
O2A ACP L . 7.27 22.22 2.65
O3A ACP L . 8.08 19.78 2.49
O5' ACP L . 9.61 21.28 3.52
C5' ACP L . 10.43 22.25 2.85
C4' ACP L . 11.06 23.15 3.89
O4' ACP L . 11.71 24.25 3.21
C3' ACP L . 10.11 23.84 4.85
O3' ACP L . 10.80 24.27 6.03
C2' ACP L . 9.59 25.01 4.01
O2' ACP L . 9.14 26.14 4.75
C1' ACP L . 10.82 25.36 3.17
N9 ACP L . 10.56 25.68 1.77
C8 ACP L . 9.58 25.17 0.95
N7 ACP L . 9.66 25.58 -0.29
C5 ACP L . 10.75 26.41 -0.30
C6 ACP L . 11.39 27.15 -1.33
N6 ACP L . 11.00 27.15 -2.60
N1 ACP L . 12.46 27.91 -0.99
C2 ACP L . 12.89 27.88 0.29
N3 ACP L . 12.41 27.20 1.32
C4 ACP L . 11.33 26.50 0.96
MG MG M . 10.99 19.01 5.57
#